data_3UKM
#
_entry.id   3UKM
#
_cell.length_a   82.080
_cell.length_b   123.171
_cell.length_c   119.305
_cell.angle_alpha   90.00
_cell.angle_beta   94.91
_cell.angle_gamma   90.00
#
_symmetry.space_group_name_H-M   'P 1 21 1'
#
loop_
_entity.id
_entity.type
_entity.pdbx_description
1 polymer 'Potassium channel subfamily K member 1'
2 non-polymer UNDECANE
3 non-polymer 'POTASSIUM ION'
4 water water
#
_entity_poly.entity_id   1
_entity_poly.type   'polypeptide(L)'
_entity_poly.pdbx_seq_one_letter_code
;GPSREASNSATMFGFLVLGYLLYLVFGAVVFSSVELPYEDLLRQELRKLKRRFLEEHECLSEQQLEQFLGRVLEASNYGV
SVLSQASGNWNWDFTSALFFASTVLSTTGYGHTVPLSDGGKAFCIIYSVIGIPFTLLFLTAVVQRITVHVTRRPVLYFHI
RWGFSKQVVAIVHAVLLGFVTVSCFFFIPAAVFSVLEDDWNFLESFYFCFISLSTIGLGDYVPGEGYNQKFRELYKIGIT
CYLLLGLIAMLVVLETFCELHELKKFRKMFYVKKDKDEVD
;
_entity_poly.pdbx_strand_id   A,B,C,D
#
loop_
_chem_comp.id
_chem_comp.type
_chem_comp.name
_chem_comp.formula
K non-polymer 'POTASSIUM ION' 'K 1'
UND non-polymer UNDECANE 'C11 H24'
#
# COMPACT_ATOMS: atom_id res chain seq x y z
N ASN A 8 21.71 -26.03 6.37
CA ASN A 8 22.45 -25.34 7.48
C ASN A 8 21.49 -24.59 8.40
N SER A 9 20.34 -24.21 7.83
CA SER A 9 19.31 -23.48 8.57
C SER A 9 18.67 -24.38 9.63
N ALA A 10 18.81 -25.69 9.42
CA ALA A 10 18.25 -26.69 10.32
C ALA A 10 19.06 -26.78 11.61
N THR A 11 20.36 -26.49 11.52
CA THR A 11 21.21 -26.55 12.71
C THR A 11 21.11 -25.26 13.49
N MET A 12 20.58 -24.23 12.85
CA MET A 12 20.40 -22.94 13.53
C MET A 12 19.19 -23.01 14.47
N PHE A 13 18.06 -23.45 13.93
CA PHE A 13 16.85 -23.59 14.71
C PHE A 13 17.04 -24.75 15.71
N GLY A 14 17.77 -25.78 15.28
CA GLY A 14 18.02 -26.92 16.14
C GLY A 14 18.83 -26.56 17.37
N PHE A 15 19.71 -25.57 17.22
CA PHE A 15 20.55 -25.12 18.33
C PHE A 15 19.78 -24.15 19.22
N LEU A 16 18.93 -23.36 18.59
CA LEU A 16 18.10 -22.41 19.30
C LEU A 16 17.25 -23.22 20.28
N VAL A 17 16.58 -24.24 19.76
CA VAL A 17 15.73 -25.10 20.57
C VAL A 17 16.51 -25.74 21.70
N LEU A 18 17.75 -26.10 21.41
CA LEU A 18 18.58 -26.72 22.41
C LEU A 18 18.96 -25.69 23.50
N GLY A 19 19.60 -24.60 23.07
CA GLY A 19 20.05 -23.57 23.99
C GLY A 19 18.96 -23.01 24.88
N TYR A 20 17.76 -22.92 24.34
CA TYR A 20 16.64 -22.41 25.11
C TYR A 20 16.45 -23.39 26.27
N LEU A 21 16.24 -24.66 25.94
CA LEU A 21 16.02 -25.69 26.96
C LEU A 21 17.07 -25.67 28.04
N LEU A 22 18.30 -25.38 27.64
CA LEU A 22 19.39 -25.32 28.59
C LEU A 22 19.24 -24.06 29.44
N TYR A 23 18.93 -22.94 28.80
CA TYR A 23 18.76 -21.70 29.53
C TYR A 23 17.75 -21.95 30.66
N LEU A 24 16.75 -22.78 30.37
CA LEU A 24 15.69 -23.13 31.33
C LEU A 24 16.23 -23.98 32.47
N VAL A 25 17.14 -24.88 32.15
CA VAL A 25 17.72 -25.75 33.15
C VAL A 25 18.74 -24.95 33.93
N PHE A 26 19.43 -24.07 33.22
CA PHE A 26 20.43 -23.23 33.82
C PHE A 26 19.75 -22.44 34.94
N GLY A 27 18.72 -21.69 34.57
CA GLY A 27 18.03 -20.88 35.55
C GLY A 27 17.40 -21.71 36.62
N ALA A 28 16.84 -22.86 36.22
CA ALA A 28 16.17 -23.78 37.13
C ALA A 28 17.12 -24.21 38.24
N VAL A 29 18.40 -24.18 37.93
CA VAL A 29 19.43 -24.55 38.87
C VAL A 29 19.87 -23.39 39.74
N VAL A 30 20.14 -22.26 39.09
CA VAL A 30 20.57 -21.05 39.78
C VAL A 30 19.52 -20.63 40.81
N PHE A 31 18.25 -20.75 40.42
CA PHE A 31 17.12 -20.39 41.30
C PHE A 31 17.01 -21.41 42.42
N SER A 32 17.11 -22.68 42.02
CA SER A 32 17.03 -23.81 42.93
C SER A 32 17.92 -23.57 44.15
N SER A 33 19.19 -23.33 43.86
CA SER A 33 20.18 -23.11 44.90
C SER A 33 20.02 -21.81 45.68
N VAL A 34 20.00 -20.66 45.04
CA VAL A 34 19.89 -19.45 45.82
C VAL A 34 18.63 -19.28 46.62
N GLU A 35 17.49 -19.65 46.03
CA GLU A 35 16.25 -19.47 46.75
C GLU A 35 15.83 -20.59 47.70
N LEU A 36 16.36 -21.80 47.50
CA LEU A 36 16.01 -22.93 48.35
C LEU A 36 16.35 -22.75 49.84
N PRO A 37 17.58 -22.30 50.15
CA PRO A 37 18.06 -22.07 51.51
C PRO A 37 17.17 -21.15 52.33
N TYR A 38 16.73 -20.05 51.73
CA TYR A 38 15.87 -19.12 52.45
C TYR A 38 14.55 -19.77 52.76
N GLU A 39 14.22 -20.79 51.99
CA GLU A 39 12.99 -21.50 52.22
C GLU A 39 13.10 -22.41 53.46
N ASP A 40 14.18 -23.19 53.55
CA ASP A 40 14.40 -24.11 54.69
C ASP A 40 14.36 -23.34 55.97
N LEU A 41 15.02 -22.19 55.95
CA LEU A 41 15.09 -21.32 57.11
C LEU A 41 13.72 -20.70 57.39
N LEU A 42 12.94 -20.45 56.34
CA LEU A 42 11.62 -19.89 56.54
C LEU A 42 10.65 -20.97 56.97
N ARG A 43 10.90 -22.19 56.51
CA ARG A 43 10.05 -23.30 56.91
C ARG A 43 10.19 -23.44 58.44
N GLN A 44 11.41 -23.24 58.93
CA GLN A 44 11.69 -23.33 60.35
C GLN A 44 11.04 -22.20 61.13
N GLU A 45 11.33 -20.96 60.76
CA GLU A 45 10.74 -19.83 61.47
C GLU A 45 9.22 -20.00 61.59
N LEU A 46 8.61 -20.76 60.67
CA LEU A 46 7.16 -20.98 60.73
C LEU A 46 6.81 -22.18 61.62
N ARG A 47 7.50 -23.30 61.43
CA ARG A 47 7.24 -24.48 62.24
C ARG A 47 7.52 -24.14 63.71
N LYS A 48 8.49 -23.26 63.92
CA LYS A 48 8.88 -22.80 65.26
C LYS A 48 7.82 -21.83 65.80
N LEU A 49 7.34 -20.91 64.97
CA LEU A 49 6.31 -19.98 65.43
C LEU A 49 4.95 -20.66 65.50
N LYS A 50 4.84 -21.82 64.87
CA LYS A 50 3.59 -22.57 64.90
C LYS A 50 3.49 -23.25 66.27
N ARG A 51 4.54 -23.99 66.64
CA ARG A 51 4.59 -24.70 67.92
C ARG A 51 4.40 -23.74 69.08
N ARG A 52 5.23 -22.70 69.09
CA ARG A 52 5.20 -21.67 70.12
C ARG A 52 3.86 -20.95 70.26
N PHE A 53 3.08 -20.83 69.19
CA PHE A 53 1.80 -20.14 69.32
C PHE A 53 0.78 -20.94 70.09
N LEU A 54 0.59 -22.19 69.71
CA LEU A 54 -0.38 -23.03 70.40
C LEU A 54 0.07 -23.29 71.84
N GLU A 55 1.27 -23.87 71.97
CA GLU A 55 1.85 -24.20 73.26
C GLU A 55 2.15 -22.98 74.09
N GLU A 56 2.42 -21.86 73.44
CA GLU A 56 2.75 -20.62 74.13
C GLU A 56 1.59 -19.90 74.81
N HIS A 57 0.47 -19.78 74.11
CA HIS A 57 -0.66 -19.09 74.68
C HIS A 57 -1.93 -19.69 74.18
N GLU A 58 -2.27 -20.83 74.76
CA GLU A 58 -3.47 -21.54 74.42
C GLU A 58 -4.63 -20.56 74.14
N CYS A 59 -5.22 -19.95 75.18
CA CYS A 59 -6.38 -19.06 75.00
C CYS A 59 -6.18 -17.55 74.71
N LEU A 60 -5.14 -17.23 73.92
CA LEU A 60 -4.78 -15.87 73.51
C LEU A 60 -5.95 -15.05 72.96
N SER A 61 -5.89 -13.73 73.15
CA SER A 61 -6.95 -12.78 72.74
C SER A 61 -6.94 -12.28 71.29
N GLU A 62 -7.85 -11.34 70.98
CA GLU A 62 -7.95 -10.78 69.63
C GLU A 62 -6.61 -10.22 69.16
N GLN A 63 -5.88 -9.60 70.08
CA GLN A 63 -4.57 -9.00 69.77
C GLN A 63 -3.46 -10.05 69.57
N GLN A 64 -3.62 -11.22 70.20
CA GLN A 64 -2.64 -12.30 70.09
C GLN A 64 -2.82 -13.16 68.82
N LEU A 65 -4.02 -13.16 68.24
CA LEU A 65 -4.31 -13.95 67.03
C LEU A 65 -3.87 -13.19 65.77
N GLU A 66 -4.22 -11.90 65.71
CA GLU A 66 -3.85 -11.06 64.57
C GLU A 66 -2.34 -11.05 64.38
N GLN A 67 -1.60 -11.26 65.46
CA GLN A 67 -0.14 -11.28 65.40
C GLN A 67 0.39 -12.62 64.87
N PHE A 68 -0.33 -13.73 65.10
CA PHE A 68 0.12 -15.01 64.58
C PHE A 68 -0.31 -15.12 63.13
N LEU A 69 -1.59 -14.84 62.88
CA LEU A 69 -2.14 -14.89 61.54
C LEU A 69 -1.35 -13.97 60.62
N GLY A 70 -0.96 -12.82 61.12
CA GLY A 70 -0.18 -11.92 60.30
C GLY A 70 1.03 -12.68 59.77
N ARG A 71 1.91 -13.13 60.65
CA ARG A 71 3.11 -13.86 60.24
C ARG A 71 2.82 -15.12 59.41
N VAL A 72 1.62 -15.68 59.53
CA VAL A 72 1.29 -16.86 58.75
C VAL A 72 0.94 -16.47 57.33
N LEU A 73 0.06 -15.47 57.20
CA LEU A 73 -0.35 -14.99 55.88
C LEU A 73 0.84 -14.44 55.12
N GLU A 74 1.70 -13.68 55.81
CA GLU A 74 2.89 -13.11 55.18
C GLU A 74 3.71 -14.24 54.53
N ALA A 75 3.78 -15.40 55.19
CA ALA A 75 4.53 -16.55 54.67
C ALA A 75 3.84 -17.13 53.46
N SER A 76 2.52 -17.10 53.51
CA SER A 76 1.67 -17.60 52.43
C SER A 76 1.94 -16.84 51.13
N ASN A 77 1.89 -15.53 51.21
CA ASN A 77 2.11 -14.68 50.06
C ASN A 77 3.45 -14.96 49.43
N TYR A 78 4.36 -15.57 50.17
CA TYR A 78 5.68 -15.85 49.62
C TYR A 78 5.91 -17.30 49.21
N GLY A 79 4.81 -18.06 49.18
CA GLY A 79 4.87 -19.45 48.75
C GLY A 79 5.04 -20.51 49.81
N VAL A 80 5.27 -20.07 51.04
CA VAL A 80 5.46 -21.00 52.14
C VAL A 80 4.25 -20.98 53.05
N SER A 81 3.59 -22.12 53.17
CA SER A 81 2.40 -22.24 54.00
C SER A 81 2.76 -22.85 55.33
N VAL A 82 2.08 -22.41 56.37
CA VAL A 82 2.33 -22.93 57.70
C VAL A 82 1.93 -24.40 57.76
N LEU A 83 0.75 -24.71 57.23
CA LEU A 83 0.23 -26.07 57.24
C LEU A 83 1.13 -27.11 56.55
N TRP A 90 7.42 -28.59 48.52
CA TRP A 90 8.62 -27.76 48.42
C TRP A 90 8.61 -26.91 47.12
N ASN A 91 8.90 -25.60 47.25
CA ASN A 91 8.87 -24.63 46.14
C ASN A 91 10.09 -24.55 45.25
N TRP A 92 11.28 -24.64 45.83
CA TRP A 92 12.46 -24.46 45.01
C TRP A 92 13.36 -25.63 44.67
N ASP A 93 12.80 -26.84 44.59
CA ASP A 93 13.64 -27.95 44.16
C ASP A 93 13.92 -27.67 42.70
N PHE A 94 14.58 -28.55 41.99
CA PHE A 94 14.86 -28.21 40.62
C PHE A 94 13.72 -28.58 39.69
N THR A 95 12.96 -29.59 40.05
CA THR A 95 11.86 -29.94 39.17
C THR A 95 10.82 -28.82 39.20
N SER A 96 10.70 -28.15 40.34
CA SER A 96 9.74 -27.06 40.51
C SER A 96 10.36 -25.72 40.17
N ALA A 97 11.69 -25.62 40.31
CA ALA A 97 12.39 -24.38 39.99
C ALA A 97 12.47 -24.28 38.48
N LEU A 98 12.43 -25.42 37.81
CA LEU A 98 12.43 -25.43 36.36
C LEU A 98 11.05 -24.93 35.93
N PHE A 99 10.03 -25.35 36.68
CA PHE A 99 8.65 -24.95 36.43
C PHE A 99 8.57 -23.43 36.53
N PHE A 100 9.21 -22.87 37.55
CA PHE A 100 9.21 -21.43 37.72
C PHE A 100 9.94 -20.73 36.59
N ALA A 101 11.17 -21.12 36.33
CA ALA A 101 11.94 -20.48 35.27
C ALA A 101 11.19 -20.40 33.95
N SER A 102 10.48 -21.47 33.58
CA SER A 102 9.75 -21.47 32.32
C SER A 102 8.53 -20.56 32.32
N THR A 103 7.75 -20.59 33.40
CA THR A 103 6.56 -19.76 33.52
C THR A 103 6.92 -18.29 33.68
N VAL A 104 8.17 -18.01 34.00
CA VAL A 104 8.59 -16.63 34.12
C VAL A 104 9.02 -16.09 32.74
N LEU A 105 9.53 -16.95 31.89
CA LEU A 105 9.94 -16.51 30.57
C LEU A 105 8.81 -16.57 29.55
N SER A 106 7.80 -17.39 29.84
CA SER A 106 6.62 -17.50 28.97
C SER A 106 5.72 -16.40 29.50
N THR A 107 6.21 -15.82 30.59
CA THR A 107 5.55 -14.75 31.35
C THR A 107 4.18 -15.10 31.93
N THR A 108 3.98 -16.31 32.42
CA THR A 108 2.71 -16.58 33.04
C THR A 108 2.72 -16.06 34.50
N GLY A 109 3.73 -16.44 35.27
CA GLY A 109 3.88 -15.99 36.66
C GLY A 109 2.76 -16.31 37.64
N TYR A 110 2.55 -17.58 37.93
CA TYR A 110 1.50 -17.91 38.86
C TYR A 110 1.71 -17.24 40.20
N GLY A 111 2.95 -17.29 40.69
CA GLY A 111 3.23 -16.67 41.97
C GLY A 111 3.18 -17.62 43.14
N HIS A 112 2.76 -18.86 42.90
CA HIS A 112 2.71 -19.83 43.97
C HIS A 112 4.16 -19.96 44.45
N THR A 113 5.07 -19.45 43.64
CA THR A 113 6.47 -19.49 43.97
C THR A 113 7.06 -18.20 43.49
N VAL A 114 7.52 -17.37 44.41
CA VAL A 114 8.15 -16.11 44.05
C VAL A 114 9.53 -16.14 44.67
N PRO A 115 10.49 -15.39 44.09
CA PRO A 115 11.82 -15.40 44.68
C PRO A 115 11.71 -14.72 46.03
N LEU A 116 12.48 -15.22 46.99
CA LEU A 116 12.48 -14.69 48.34
C LEU A 116 13.64 -13.77 48.67
N SER A 117 14.88 -14.16 48.33
CA SER A 117 15.97 -13.27 48.71
C SER A 117 15.95 -12.07 47.81
N ASP A 118 17.07 -11.36 47.74
CA ASP A 118 17.12 -10.19 46.87
C ASP A 118 17.86 -10.66 45.64
N GLY A 119 18.71 -11.67 45.85
CA GLY A 119 19.47 -12.24 44.77
C GLY A 119 18.48 -12.91 43.84
N GLY A 120 17.57 -13.68 44.41
CA GLY A 120 16.59 -14.35 43.58
C GLY A 120 15.81 -13.31 42.79
N LYS A 121 15.30 -12.32 43.51
CA LYS A 121 14.52 -11.26 42.90
C LYS A 121 15.32 -10.57 41.79
N ALA A 122 16.59 -10.28 42.07
CA ALA A 122 17.42 -9.62 41.07
C ALA A 122 17.84 -10.56 39.95
N PHE A 123 18.25 -11.78 40.27
CA PHE A 123 18.67 -12.74 39.24
C PHE A 123 17.52 -12.98 38.29
N CYS A 124 16.33 -13.01 38.88
CA CYS A 124 15.09 -13.22 38.16
C CYS A 124 14.97 -12.15 37.10
N ILE A 125 15.15 -10.91 37.52
CA ILE A 125 15.07 -9.77 36.61
C ILE A 125 16.03 -9.87 35.44
N ILE A 126 17.30 -10.13 35.70
CA ILE A 126 18.30 -10.25 34.66
C ILE A 126 18.02 -11.48 33.81
N TYR A 127 17.77 -12.59 34.49
CA TYR A 127 17.48 -13.85 33.83
C TYR A 127 16.39 -13.66 32.80
N SER A 128 15.44 -12.79 33.16
CA SER A 128 14.30 -12.49 32.31
C SER A 128 14.64 -11.54 31.17
N VAL A 129 15.36 -10.46 31.47
CA VAL A 129 15.69 -9.49 30.43
C VAL A 129 16.31 -10.21 29.26
N ILE A 130 17.09 -11.23 29.60
CA ILE A 130 17.77 -12.07 28.62
C ILE A 130 16.86 -13.19 28.10
N GLY A 131 16.17 -13.87 29.02
CA GLY A 131 15.30 -14.97 28.66
C GLY A 131 14.02 -14.65 27.91
N ILE A 132 13.30 -13.63 28.36
CA ILE A 132 12.05 -13.24 27.71
C ILE A 132 12.26 -13.15 26.20
N PRO A 133 13.25 -12.35 25.76
CA PRO A 133 13.57 -12.16 24.34
C PRO A 133 13.92 -13.49 23.69
N PHE A 134 14.91 -14.14 24.30
CA PHE A 134 15.42 -15.42 23.89
C PHE A 134 14.19 -16.30 23.63
N THR A 135 13.22 -16.20 24.53
CA THR A 135 11.97 -16.96 24.46
C THR A 135 11.11 -16.59 23.26
N LEU A 136 11.14 -15.32 22.88
CA LEU A 136 10.37 -14.89 21.73
C LEU A 136 10.98 -15.58 20.54
N LEU A 137 12.26 -15.32 20.32
CA LEU A 137 13.00 -15.90 19.20
C LEU A 137 12.69 -17.39 19.09
N PHE A 138 12.83 -18.07 20.23
CA PHE A 138 12.58 -19.50 20.31
C PHE A 138 11.20 -19.82 19.76
N LEU A 139 10.20 -19.12 20.28
CA LEU A 139 8.83 -19.32 19.85
C LEU A 139 8.65 -18.97 18.39
N THR A 140 9.17 -17.81 18.00
CA THR A 140 9.04 -17.35 16.63
C THR A 140 9.44 -18.44 15.68
N ALA A 141 10.61 -19.03 15.93
CA ALA A 141 11.12 -20.09 15.07
C ALA A 141 10.19 -21.31 15.11
N VAL A 142 9.97 -21.83 16.31
CA VAL A 142 9.13 -22.99 16.51
C VAL A 142 7.75 -22.79 15.89
N VAL A 143 7.27 -21.56 15.85
CA VAL A 143 5.96 -21.33 15.26
C VAL A 143 6.05 -21.13 13.76
N GLN A 144 6.99 -20.31 13.30
CA GLN A 144 7.10 -20.07 11.86
C GLN A 144 7.12 -21.42 11.17
N ARG A 145 7.91 -22.34 11.71
CA ARG A 145 8.02 -23.66 11.12
C ARG A 145 6.72 -24.43 11.19
N ILE A 146 6.18 -24.60 12.39
CA ILE A 146 4.94 -25.33 12.57
C ILE A 146 3.81 -24.68 11.77
N THR A 147 3.82 -23.35 11.70
CA THR A 147 2.78 -22.59 10.98
C THR A 147 2.76 -23.02 9.53
N VAL A 148 3.94 -23.08 8.94
CA VAL A 148 4.04 -23.47 7.55
C VAL A 148 3.62 -24.89 7.28
N HIS A 149 4.09 -25.85 8.07
CA HIS A 149 3.73 -27.25 7.86
C HIS A 149 2.24 -27.52 8.12
N VAL A 150 1.61 -26.68 8.94
CA VAL A 150 0.19 -26.80 9.24
C VAL A 150 -0.66 -25.91 8.33
N THR A 151 0.01 -24.93 7.71
CA THR A 151 -0.66 -23.99 6.80
C THR A 151 0.09 -23.85 5.43
N ARG A 152 0.34 -25.03 4.86
CA ARG A 152 0.97 -25.23 3.56
C ARG A 152 -0.07 -26.09 2.86
N ARG A 153 -1.02 -26.53 3.68
CA ARG A 153 -2.14 -27.34 3.26
C ARG A 153 -3.31 -26.51 2.72
N PRO A 154 -3.38 -25.19 3.02
CA PRO A 154 -4.51 -24.42 2.47
C PRO A 154 -4.25 -24.27 0.99
N VAL A 155 -3.00 -24.59 0.61
CA VAL A 155 -2.55 -24.54 -0.78
C VAL A 155 -2.83 -25.88 -1.50
N LEU A 156 -2.60 -27.01 -0.82
CA LEU A 156 -2.89 -28.35 -1.38
C LEU A 156 -4.37 -28.38 -1.74
N TYR A 157 -5.08 -27.36 -1.24
CA TYR A 157 -6.50 -27.21 -1.48
C TYR A 157 -6.85 -26.06 -2.46
N PHE A 158 -5.94 -25.12 -2.67
CA PHE A 158 -6.19 -24.01 -3.57
C PHE A 158 -6.84 -24.49 -4.85
N SER A 165 -12.09 -22.53 -3.37
CA SER A 165 -11.16 -21.72 -4.14
C SER A 165 -9.81 -21.50 -3.45
N LYS A 166 -9.51 -20.27 -3.04
CA LYS A 166 -8.25 -19.96 -2.35
C LYS A 166 -8.46 -19.33 -0.97
N GLN A 167 -9.11 -18.17 -0.94
CA GLN A 167 -9.35 -17.47 0.31
C GLN A 167 -10.23 -18.28 1.24
N VAL A 168 -11.18 -18.99 0.66
CA VAL A 168 -12.10 -19.78 1.46
C VAL A 168 -11.48 -21.07 1.99
N VAL A 169 -10.37 -21.50 1.41
CA VAL A 169 -9.72 -22.71 1.90
C VAL A 169 -9.03 -22.39 3.21
N ALA A 170 -8.68 -21.12 3.39
CA ALA A 170 -8.02 -20.67 4.61
C ALA A 170 -9.00 -20.40 5.75
N ILE A 171 -10.12 -19.76 5.43
CA ILE A 171 -11.13 -19.44 6.43
C ILE A 171 -11.72 -20.71 7.00
N VAL A 172 -11.59 -21.80 6.27
CA VAL A 172 -12.07 -23.10 6.71
C VAL A 172 -10.94 -23.85 7.41
N HIS A 173 -9.70 -23.63 6.95
CA HIS A 173 -8.54 -24.27 7.55
C HIS A 173 -8.34 -23.74 8.95
N ALA A 174 -8.57 -22.43 9.09
CA ALA A 174 -8.42 -21.76 10.37
C ALA A 174 -9.47 -22.23 11.39
N VAL A 175 -10.74 -22.02 11.06
CA VAL A 175 -11.84 -22.38 11.93
C VAL A 175 -11.79 -23.88 12.28
N LEU A 176 -11.24 -24.67 11.37
CA LEU A 176 -11.12 -26.11 11.60
C LEU A 176 -9.98 -26.37 12.55
N LEU A 177 -8.85 -25.70 12.31
CA LEU A 177 -7.67 -25.86 13.15
C LEU A 177 -7.92 -25.34 14.55
N GLY A 178 -8.82 -24.36 14.67
CA GLY A 178 -9.13 -23.83 15.99
C GLY A 178 -9.84 -24.92 16.78
N PHE A 179 -10.94 -25.41 16.22
CA PHE A 179 -11.72 -26.45 16.85
C PHE A 179 -10.86 -27.70 17.18
N VAL A 180 -9.72 -27.84 16.53
CA VAL A 180 -8.82 -28.98 16.77
C VAL A 180 -8.04 -28.86 18.08
N THR A 181 -7.25 -27.79 18.13
CA THR A 181 -6.39 -27.48 19.27
C THR A 181 -7.16 -27.01 20.48
N VAL A 182 -8.32 -26.39 20.27
CA VAL A 182 -9.13 -25.93 21.40
C VAL A 182 -9.51 -27.17 22.20
N SER A 183 -9.81 -28.22 21.45
CA SER A 183 -10.21 -29.50 22.01
C SER A 183 -8.98 -30.27 22.47
N CYS A 184 -7.99 -30.30 21.59
CA CYS A 184 -6.77 -31.01 21.85
C CYS A 184 -5.87 -30.47 22.97
N PHE A 185 -5.95 -29.16 23.23
CA PHE A 185 -5.13 -28.56 24.28
C PHE A 185 -5.87 -28.06 25.50
N PHE A 186 -7.18 -27.84 25.37
CA PHE A 186 -7.98 -27.39 26.51
C PHE A 186 -8.84 -28.49 27.10
N PHE A 187 -9.71 -29.06 26.28
CA PHE A 187 -10.61 -30.10 26.76
C PHE A 187 -9.90 -31.38 27.15
N ILE A 188 -8.98 -31.86 26.32
CA ILE A 188 -8.29 -33.09 26.68
C ILE A 188 -7.54 -32.88 27.99
N PRO A 189 -6.75 -31.80 28.11
CA PRO A 189 -6.02 -31.58 29.36
C PRO A 189 -6.95 -31.10 30.47
N ALA A 190 -8.03 -30.42 30.09
CA ALA A 190 -8.98 -29.94 31.08
C ALA A 190 -9.51 -31.16 31.81
N ALA A 191 -9.63 -32.25 31.08
CA ALA A 191 -10.09 -33.49 31.64
C ALA A 191 -8.94 -34.16 32.40
N VAL A 192 -7.77 -34.25 31.77
CA VAL A 192 -6.60 -34.86 32.40
C VAL A 192 -6.31 -34.29 33.79
N PHE A 193 -6.61 -33.02 33.95
CA PHE A 193 -6.37 -32.36 35.22
C PHE A 193 -7.50 -32.65 36.17
N SER A 194 -8.73 -32.75 35.64
CA SER A 194 -9.91 -33.05 36.47
C SER A 194 -9.58 -34.35 37.18
N VAL A 195 -8.73 -35.11 36.51
CA VAL A 195 -8.22 -36.39 36.96
C VAL A 195 -7.12 -36.16 37.98
N LEU A 196 -5.95 -35.80 37.47
CA LEU A 196 -4.78 -35.55 38.29
C LEU A 196 -5.02 -34.71 39.55
N GLU A 197 -5.70 -33.57 39.38
CA GLU A 197 -6.00 -32.68 40.52
C GLU A 197 -7.36 -33.00 41.10
N ASP A 198 -7.35 -33.39 42.37
CA ASP A 198 -8.57 -33.77 43.09
C ASP A 198 -9.65 -32.70 43.04
N ASP A 199 -9.48 -31.73 43.92
CA ASP A 199 -10.38 -30.60 44.14
C ASP A 199 -10.79 -29.83 42.90
N TRP A 200 -10.15 -30.12 41.77
CA TRP A 200 -10.46 -29.44 40.51
C TRP A 200 -11.53 -30.19 39.74
N ASN A 201 -12.62 -29.49 39.42
CA ASN A 201 -13.66 -30.09 38.63
C ASN A 201 -13.27 -29.76 37.19
N PHE A 202 -14.15 -30.00 36.24
CA PHE A 202 -13.78 -29.71 34.87
C PHE A 202 -13.61 -28.23 34.64
N LEU A 203 -14.66 -27.45 34.91
CA LEU A 203 -14.56 -26.01 34.71
C LEU A 203 -13.26 -25.49 35.30
N GLU A 204 -12.96 -25.84 36.54
CA GLU A 204 -11.73 -25.37 37.15
C GLU A 204 -10.53 -25.80 36.34
N SER A 205 -10.47 -27.07 35.94
CA SER A 205 -9.35 -27.53 35.15
C SER A 205 -9.27 -26.79 33.83
N PHE A 206 -10.42 -26.63 33.19
CA PHE A 206 -10.48 -25.93 31.92
C PHE A 206 -10.09 -24.47 32.12
N TYR A 207 -10.70 -23.85 33.12
CA TYR A 207 -10.44 -22.46 33.48
C TYR A 207 -8.95 -22.24 33.67
N PHE A 208 -8.31 -23.19 34.33
CA PHE A 208 -6.88 -23.12 34.57
C PHE A 208 -6.09 -23.09 33.26
N CYS A 209 -6.48 -23.97 32.35
CA CYS A 209 -5.80 -24.05 31.07
C CYS A 209 -5.93 -22.76 30.29
N PHE A 210 -7.11 -22.16 30.34
CA PHE A 210 -7.28 -20.91 29.62
C PHE A 210 -6.32 -19.86 30.16
N ILE A 211 -6.42 -19.52 31.44
CA ILE A 211 -5.54 -18.49 31.99
C ILE A 211 -4.07 -18.87 31.98
N SER A 212 -3.75 -20.14 31.70
CA SER A 212 -2.35 -20.57 31.64
C SER A 212 -1.79 -20.38 30.24
N LEU A 213 -2.52 -20.87 29.25
CA LEU A 213 -2.08 -20.76 27.89
C LEU A 213 -2.25 -19.34 27.35
N SER A 214 -2.96 -18.51 28.09
CA SER A 214 -3.16 -17.14 27.67
C SER A 214 -2.01 -16.32 28.24
N THR A 215 -1.29 -16.95 29.16
CA THR A 215 -0.17 -16.41 29.96
C THR A 215 -0.69 -15.37 30.96
N ILE A 216 -1.96 -15.44 31.33
CA ILE A 216 -2.47 -14.51 32.32
C ILE A 216 -1.91 -14.97 33.66
N GLY A 217 -2.06 -16.24 33.97
CA GLY A 217 -1.53 -16.80 35.20
C GLY A 217 -1.94 -16.22 36.53
N LEU A 218 -3.25 -16.08 36.76
CA LEU A 218 -3.70 -15.57 38.04
C LEU A 218 -3.08 -16.39 39.18
N GLY A 219 -2.98 -17.71 39.01
CA GLY A 219 -2.40 -18.52 40.06
C GLY A 219 -3.37 -19.00 41.12
N ASP A 220 -4.66 -18.79 40.92
CA ASP A 220 -5.60 -19.27 41.92
C ASP A 220 -5.52 -20.81 41.88
N TYR A 221 -5.21 -21.35 40.71
CA TYR A 221 -5.07 -22.80 40.52
C TYR A 221 -3.72 -23.08 39.87
N VAL A 222 -2.98 -24.02 40.46
CA VAL A 222 -1.69 -24.45 39.94
C VAL A 222 -1.65 -25.96 40.14
N PRO A 223 -1.35 -26.69 39.07
CA PRO A 223 -1.31 -28.13 39.22
C PRO A 223 -0.06 -28.65 39.92
N GLY A 224 -0.22 -29.80 40.55
CA GLY A 224 0.88 -30.43 41.24
C GLY A 224 1.16 -29.80 42.58
N GLU A 225 0.11 -29.53 43.33
CA GLU A 225 0.31 -28.91 44.62
C GLU A 225 -0.71 -29.45 45.62
N GLY A 226 -0.88 -30.77 45.63
CA GLY A 226 -1.84 -31.38 46.55
C GLY A 226 -1.19 -32.16 47.69
N TYR A 227 -1.76 -32.09 48.90
CA TYR A 227 -1.21 -32.79 50.03
C TYR A 227 -0.98 -34.26 49.66
N ASN A 228 0.28 -34.67 49.62
CA ASN A 228 0.64 -36.05 49.29
C ASN A 228 0.50 -36.39 47.80
N GLN A 229 1.29 -35.73 46.95
CA GLN A 229 1.25 -35.96 45.50
C GLN A 229 2.45 -36.83 45.11
N LYS A 230 2.18 -38.01 44.55
CA LYS A 230 3.23 -38.96 44.17
C LYS A 230 3.77 -38.80 42.75
N PHE A 231 5.10 -38.87 42.64
CA PHE A 231 5.76 -38.72 41.35
C PHE A 231 5.64 -37.27 40.91
N ARG A 232 5.44 -36.40 41.88
CA ARG A 232 5.27 -34.96 41.64
C ARG A 232 6.38 -34.34 40.81
N GLU A 233 7.60 -34.78 41.03
CA GLU A 233 8.75 -34.26 40.30
C GLU A 233 8.49 -34.19 38.80
N LEU A 234 7.92 -35.26 38.28
CA LEU A 234 7.61 -35.37 36.86
C LEU A 234 6.42 -34.51 36.50
N TYR A 235 5.35 -34.65 37.27
CA TYR A 235 4.13 -33.90 37.03
C TYR A 235 4.52 -32.46 36.70
N LYS A 236 5.53 -31.96 37.41
CA LYS A 236 6.02 -30.60 37.19
C LYS A 236 6.58 -30.52 35.78
N ILE A 237 7.54 -31.40 35.49
CA ILE A 237 8.19 -31.42 34.19
C ILE A 237 7.18 -31.66 33.09
N GLY A 238 6.10 -32.35 33.42
CA GLY A 238 5.08 -32.60 32.43
C GLY A 238 4.32 -31.31 32.16
N ILE A 239 3.92 -30.65 33.24
CA ILE A 239 3.19 -29.40 33.12
C ILE A 239 4.01 -28.41 32.33
N THR A 240 5.26 -28.22 32.76
CA THR A 240 6.16 -27.28 32.12
C THR A 240 6.08 -27.45 30.61
N CYS A 241 5.89 -28.68 30.17
CA CYS A 241 5.79 -28.99 28.75
C CYS A 241 4.40 -28.74 28.23
N TYR A 242 3.40 -29.07 29.03
CA TYR A 242 2.05 -28.84 28.58
C TYR A 242 1.93 -27.38 28.26
N LEU A 243 2.31 -26.55 29.22
CA LEU A 243 2.24 -25.12 29.07
C LEU A 243 3.06 -24.64 27.88
N LEU A 244 4.30 -25.07 27.81
CA LEU A 244 5.16 -24.66 26.73
C LEU A 244 4.60 -24.95 25.33
N LEU A 245 4.18 -26.18 25.11
CA LEU A 245 3.60 -26.61 23.82
C LEU A 245 2.30 -25.91 23.51
N GLY A 246 1.43 -25.86 24.51
CA GLY A 246 0.13 -25.22 24.37
C GLY A 246 0.23 -23.78 23.94
N LEU A 247 1.32 -23.13 24.34
CA LEU A 247 1.55 -21.74 23.97
C LEU A 247 1.90 -21.72 22.49
N ILE A 248 2.84 -22.56 22.10
CA ILE A 248 3.24 -22.65 20.72
C ILE A 248 1.98 -22.88 19.89
N ALA A 249 1.15 -23.82 20.34
CA ALA A 249 -0.08 -24.14 19.65
C ALA A 249 -0.97 -22.93 19.49
N MET A 250 -1.10 -22.17 20.56
CA MET A 250 -1.93 -20.98 20.45
C MET A 250 -1.37 -20.07 19.37
N LEU A 251 -0.11 -19.70 19.51
CA LEU A 251 0.54 -18.79 18.59
C LEU A 251 0.39 -19.31 17.16
N VAL A 252 0.54 -20.62 16.99
CA VAL A 252 0.38 -21.21 15.67
C VAL A 252 -1.00 -20.85 15.15
N VAL A 253 -2.01 -21.11 15.97
CA VAL A 253 -3.38 -20.82 15.62
C VAL A 253 -3.62 -19.33 15.44
N LEU A 254 -2.85 -18.54 16.18
CA LEU A 254 -3.01 -17.11 16.10
C LEU A 254 -2.49 -16.62 14.77
N GLU A 255 -1.31 -17.11 14.37
CA GLU A 255 -0.73 -16.68 13.10
C GLU A 255 -1.70 -17.06 11.99
N THR A 256 -2.15 -18.31 12.04
CA THR A 256 -3.07 -18.84 11.05
C THR A 256 -4.31 -17.98 10.93
N PHE A 257 -4.70 -17.33 12.02
CA PHE A 257 -5.85 -16.47 11.98
C PHE A 257 -5.48 -15.05 11.59
N CYS A 258 -4.36 -14.58 12.13
CA CYS A 258 -3.88 -13.21 11.86
C CYS A 258 -3.50 -13.02 10.39
N GLU A 259 -3.39 -14.13 9.67
CA GLU A 259 -3.03 -14.12 8.26
C GLU A 259 -4.12 -14.46 7.25
N LEU A 260 -5.38 -14.22 7.63
CA LEU A 260 -6.47 -14.48 6.70
C LEU A 260 -6.72 -13.12 6.06
N HIS A 261 -7.09 -13.09 4.78
CA HIS A 261 -7.27 -11.81 4.12
C HIS A 261 -8.10 -10.84 4.94
N GLU A 262 -9.33 -11.23 5.24
CA GLU A 262 -10.22 -10.36 5.99
C GLU A 262 -9.60 -9.71 7.24
N LEU A 263 -8.70 -10.42 7.90
CA LEU A 263 -8.07 -9.88 9.09
C LEU A 263 -7.02 -8.84 8.74
N LYS A 264 -6.08 -9.19 7.86
CA LYS A 264 -5.05 -8.24 7.47
C LYS A 264 -5.75 -6.97 7.01
N LYS A 265 -6.98 -7.14 6.53
CA LYS A 265 -7.80 -6.04 6.06
C LYS A 265 -8.24 -5.20 7.26
N PHE A 266 -8.89 -5.88 8.20
CA PHE A 266 -9.41 -5.22 9.39
C PHE A 266 -8.27 -4.57 10.18
N ARG A 267 -7.15 -5.26 10.30
CA ARG A 267 -6.01 -4.74 11.03
C ARG A 267 -5.49 -3.48 10.37
N LYS A 268 -5.10 -3.63 9.11
CA LYS A 268 -4.53 -2.55 8.31
C LYS A 268 -5.38 -1.29 8.40
N MET A 269 -6.65 -1.50 8.66
CA MET A 269 -7.62 -0.42 8.77
C MET A 269 -7.30 0.64 9.84
N PHE A 270 -6.29 0.41 10.66
CA PHE A 270 -5.99 1.37 11.72
C PHE A 270 -4.64 2.10 11.76
N TYR A 271 -3.71 1.78 10.86
CA TYR A 271 -2.39 2.43 10.86
C TYR A 271 -2.30 3.77 10.13
N ASN B 8 -9.73 9.90 7.48
CA ASN B 8 -10.77 8.92 7.94
C ASN B 8 -10.13 7.83 8.80
N SER B 9 -8.84 7.60 8.57
CA SER B 9 -8.07 6.59 9.30
C SER B 9 -7.89 7.01 10.76
N ALA B 10 -8.03 8.32 11.00
CA ALA B 10 -7.89 8.89 12.32
C ALA B 10 -9.09 8.57 13.20
N THR B 11 -10.26 8.42 12.57
CA THR B 11 -11.46 8.10 13.33
C THR B 11 -11.56 6.60 13.58
N MET B 12 -10.78 5.83 12.84
CA MET B 12 -10.75 4.38 13.03
C MET B 12 -9.95 4.02 14.29
N PHE B 13 -8.73 4.55 14.37
CA PHE B 13 -7.87 4.33 15.53
C PHE B 13 -8.48 5.05 16.72
N GLY B 14 -9.08 6.23 16.48
CA GLY B 14 -9.67 7.00 17.55
C GLY B 14 -10.83 6.28 18.20
N PHE B 15 -11.53 5.46 17.43
CA PHE B 15 -12.67 4.69 17.93
C PHE B 15 -12.20 3.43 18.62
N LEU B 16 -11.13 2.85 18.07
CA LEU B 16 -10.53 1.66 18.64
C LEU B 16 -10.12 1.99 20.08
N VAL B 17 -9.38 3.08 20.23
CA VAL B 17 -8.92 3.55 21.53
C VAL B 17 -10.09 3.79 22.47
N LEU B 18 -11.17 4.31 21.92
CA LEU B 18 -12.35 4.58 22.72
C LEU B 18 -13.00 3.27 23.17
N GLY B 19 -13.36 2.45 22.18
CA GLY B 19 -14.03 1.19 22.46
C GLY B 19 -13.29 0.28 23.40
N TYR B 20 -11.97 0.31 23.31
CA TYR B 20 -11.15 -0.52 24.19
C TYR B 20 -11.44 -0.04 25.61
N LEU B 21 -11.21 1.25 25.85
CA LEU B 21 -11.41 1.84 27.18
C LEU B 21 -12.78 1.48 27.74
N LEU B 22 -13.77 1.45 26.87
CA LEU B 22 -15.12 1.12 27.31
C LEU B 22 -15.18 -0.36 27.65
N TYR B 23 -14.60 -1.20 26.80
CA TYR B 23 -14.60 -2.63 27.05
C TYR B 23 -14.05 -2.86 28.46
N LEU B 24 -13.07 -2.05 28.85
CA LEU B 24 -12.44 -2.14 30.18
C LEU B 24 -13.39 -1.74 31.28
N VAL B 25 -14.19 -0.71 31.01
CA VAL B 25 -15.15 -0.22 32.00
C VAL B 25 -16.33 -1.17 32.05
N PHE B 26 -16.68 -1.69 30.87
CA PHE B 26 -17.76 -2.63 30.75
C PHE B 26 -17.44 -3.82 31.66
N GLY B 27 -16.30 -4.44 31.43
CA GLY B 27 -15.91 -5.60 32.21
C GLY B 27 -15.74 -5.24 33.67
N ALA B 28 -15.16 -4.07 33.93
CA ALA B 28 -14.91 -3.60 35.29
C ALA B 28 -16.21 -3.53 36.07
N VAL B 29 -17.30 -3.34 35.35
CA VAL B 29 -18.62 -3.27 35.95
C VAL B 29 -19.25 -4.64 36.14
N VAL B 30 -19.23 -5.45 35.08
CA VAL B 30 -19.78 -6.80 35.11
C VAL B 30 -19.11 -7.64 36.21
N PHE B 31 -17.79 -7.46 36.35
CA PHE B 31 -17.01 -8.17 37.36
C PHE B 31 -17.37 -7.62 38.74
N SER B 32 -17.40 -6.30 38.80
CA SER B 32 -17.71 -5.58 40.04
C SER B 32 -18.93 -6.18 40.70
N SER B 33 -20.02 -6.23 39.94
CA SER B 33 -21.29 -6.74 40.43
C SER B 33 -21.33 -8.23 40.70
N VAL B 34 -20.99 -9.08 39.73
CA VAL B 34 -21.09 -10.50 40.00
C VAL B 34 -20.17 -11.02 41.07
N GLU B 35 -18.93 -10.55 41.09
CA GLU B 35 -18.01 -11.05 42.07
C GLU B 35 -18.01 -10.38 43.43
N LEU B 36 -18.51 -9.15 43.50
CA LEU B 36 -18.54 -8.41 44.77
C LEU B 36 -19.37 -9.10 45.88
N PRO B 37 -20.59 -9.55 45.55
CA PRO B 37 -21.50 -10.22 46.50
C PRO B 37 -20.89 -11.42 47.19
N TYR B 38 -20.19 -12.26 46.44
CA TYR B 38 -19.57 -13.44 47.01
C TYR B 38 -18.48 -13.04 47.98
N GLU B 39 -17.98 -11.84 47.79
CA GLU B 39 -16.95 -11.34 48.67
C GLU B 39 -17.53 -10.93 50.02
N ASP B 40 -18.63 -10.16 50.01
CA ASP B 40 -19.28 -9.70 51.25
C ASP B 40 -19.64 -10.87 52.10
N LEU B 41 -20.18 -11.90 51.44
CA LEU B 41 -20.58 -13.12 52.10
C LEU B 41 -19.36 -13.89 52.60
N LEU B 42 -18.25 -13.79 51.87
CA LEU B 42 -17.03 -14.47 52.29
C LEU B 42 -16.35 -13.67 53.40
N ARG B 43 -16.49 -12.36 53.35
CA ARG B 43 -15.92 -11.53 54.38
C ARG B 43 -16.57 -11.94 55.70
N GLN B 44 -17.88 -12.23 55.64
CA GLN B 44 -18.64 -12.63 56.83
C GLN B 44 -18.21 -14.00 57.31
N GLU B 45 -18.27 -15.01 56.43
CA GLU B 45 -17.88 -16.36 56.85
C GLU B 45 -16.51 -16.34 57.54
N LEU B 46 -15.68 -15.35 57.22
CA LEU B 46 -14.37 -15.25 57.86
C LEU B 46 -14.42 -14.49 59.17
N ARG B 47 -15.09 -13.33 59.17
CA ARG B 47 -15.19 -12.53 60.39
C ARG B 47 -15.92 -13.35 61.45
N LYS B 48 -16.85 -14.19 60.99
CA LYS B 48 -17.64 -15.07 61.84
C LYS B 48 -16.77 -16.24 62.34
N LEU B 49 -15.97 -16.84 61.45
CA LEU B 49 -15.11 -17.95 61.87
C LEU B 49 -13.90 -17.42 62.65
N LYS B 50 -13.66 -16.12 62.56
CA LYS B 50 -12.55 -15.51 63.28
C LYS B 50 -12.97 -15.38 64.74
N ARG B 51 -14.13 -14.74 64.96
CA ARG B 51 -14.66 -14.53 66.32
C ARG B 51 -14.81 -15.86 67.04
N ARG B 52 -15.52 -16.78 66.38
CA ARG B 52 -15.78 -18.11 66.92
C ARG B 52 -14.53 -18.91 67.24
N PHE B 53 -13.43 -18.69 66.53
CA PHE B 53 -12.22 -19.47 66.84
C PHE B 53 -11.59 -19.07 68.16
N LEU B 54 -11.36 -17.78 68.33
CA LEU B 54 -10.74 -17.30 69.57
C LEU B 54 -11.67 -17.55 70.76
N GLU B 55 -12.87 -16.97 70.67
CA GLU B 55 -13.88 -17.09 71.71
C GLU B 55 -14.37 -18.52 71.88
N GLU B 56 -14.32 -19.31 70.82
CA GLU B 56 -14.80 -20.68 70.86
C GLU B 56 -13.88 -21.66 71.60
N HIS B 57 -12.60 -21.60 71.33
CA HIS B 57 -11.69 -22.53 71.97
C HIS B 57 -10.37 -21.88 72.18
N GLU B 58 -10.32 -21.04 73.22
CA GLU B 58 -9.12 -20.34 73.60
C GLU B 58 -7.87 -21.22 73.40
N CYS B 59 -7.65 -22.20 74.28
CA CYS B 59 -6.44 -23.05 74.20
C CYS B 59 -6.42 -24.33 73.33
N LEU B 60 -7.10 -24.28 72.18
CA LEU B 60 -7.21 -25.38 71.20
C LEU B 60 -5.86 -26.02 70.83
N SER B 61 -5.89 -27.32 70.51
CA SER B 61 -4.70 -28.11 70.17
C SER B 61 -4.19 -28.07 68.73
N GLU B 62 -3.17 -28.89 68.43
CA GLU B 62 -2.57 -28.94 67.09
C GLU B 62 -3.62 -29.21 66.03
N GLN B 63 -4.59 -30.06 66.35
CA GLN B 63 -5.66 -30.41 65.42
C GLN B 63 -6.70 -29.30 65.24
N GLN B 64 -6.85 -28.45 66.25
CA GLN B 64 -7.81 -27.34 66.21
C GLN B 64 -7.27 -26.09 65.47
N LEU B 65 -5.93 -25.95 65.39
CA LEU B 65 -5.31 -24.80 64.72
C LEU B 65 -5.24 -25.04 63.21
N GLU B 66 -4.81 -26.23 62.81
CA GLU B 66 -4.71 -26.58 61.41
C GLU B 66 -6.05 -26.43 60.71
N GLN B 67 -7.13 -26.57 61.49
CA GLN B 67 -8.47 -26.43 60.94
C GLN B 67 -8.88 -24.96 60.77
N PHE B 68 -8.37 -24.07 61.62
CA PHE B 68 -8.70 -22.64 61.47
C PHE B 68 -7.80 -22.06 60.39
N LEU B 69 -6.49 -22.30 60.53
CA LEU B 69 -5.52 -21.82 59.56
C LEU B 69 -5.87 -22.29 58.16
N GLY B 70 -6.35 -23.52 58.05
CA GLY B 70 -6.73 -24.01 56.75
C GLY B 70 -7.74 -23.04 56.15
N ARG B 71 -8.90 -22.88 56.78
CA ARG B 71 -9.93 -21.97 56.26
C ARG B 71 -9.47 -20.51 56.08
N VAL B 72 -8.41 -20.11 56.80
CA VAL B 72 -7.90 -18.74 56.67
C VAL B 72 -7.06 -18.63 55.41
N LEU B 73 -6.12 -19.56 55.23
CA LEU B 73 -5.27 -19.57 54.07
C LEU B 73 -6.09 -19.75 52.80
N GLU B 74 -7.07 -20.64 52.83
CA GLU B 74 -7.93 -20.87 51.67
C GLU B 74 -8.56 -19.54 51.23
N ALA B 75 -8.93 -18.69 52.19
CA ALA B 75 -9.54 -17.39 51.90
C ALA B 75 -8.50 -16.43 51.30
N SER B 76 -7.27 -16.56 51.77
CA SER B 76 -6.15 -15.76 51.31
C SER B 76 -5.91 -16.00 49.83
N ASN B 77 -5.81 -17.27 49.44
CA ASN B 77 -5.57 -17.62 48.05
C ASN B 77 -6.62 -17.06 47.14
N TYR B 78 -7.77 -16.70 47.70
CA TYR B 78 -8.83 -16.15 46.87
C TYR B 78 -9.00 -14.63 46.95
N GLY B 79 -8.02 -13.98 47.59
CA GLY B 79 -8.02 -12.53 47.68
C GLY B 79 -8.61 -11.92 48.92
N VAL B 80 -9.22 -12.75 49.76
CA VAL B 80 -9.84 -12.27 50.98
C VAL B 80 -9.02 -12.69 52.18
N SER B 81 -8.52 -11.71 52.92
CA SER B 81 -7.70 -11.97 54.10
C SER B 81 -8.53 -11.85 55.34
N VAL B 82 -8.20 -12.68 56.32
CA VAL B 82 -8.93 -12.66 57.58
C VAL B 82 -8.66 -11.34 58.30
N LEU B 83 -7.40 -10.94 58.35
CA LEU B 83 -7.01 -9.71 59.03
C LEU B 83 -7.70 -8.44 58.49
N TRP B 90 -10.94 -3.76 49.89
CA TRP B 90 -11.97 -4.43 49.09
C TRP B 90 -11.46 -4.74 47.67
N ASN B 91 -11.69 -5.98 47.21
CA ASN B 91 -11.22 -6.49 45.91
C ASN B 91 -12.05 -6.18 44.69
N TRP B 92 -13.37 -6.22 44.82
CA TRP B 92 -14.16 -6.01 43.63
C TRP B 92 -14.95 -4.74 43.45
N ASP B 93 -14.50 -3.63 44.02
CA ASP B 93 -15.21 -2.38 43.76
C ASP B 93 -14.96 -2.12 42.30
N PHE B 94 -15.41 -1.00 41.76
CA PHE B 94 -15.18 -0.80 40.35
C PHE B 94 -13.82 -0.19 40.06
N THR B 95 -13.29 0.57 41.00
CA THR B 95 -11.98 1.14 40.75
C THR B 95 -10.93 0.03 40.72
N SER B 96 -11.17 -1.02 41.52
CA SER B 96 -10.27 -2.15 41.59
C SER B 96 -10.64 -3.24 40.60
N ALA B 97 -11.92 -3.29 40.24
CA ALA B 97 -12.39 -4.28 39.28
C ALA B 97 -11.95 -3.85 37.91
N LEU B 98 -11.74 -2.55 37.75
CA LEU B 98 -11.25 -2.03 36.49
C LEU B 98 -9.78 -2.42 36.40
N PHE B 99 -9.12 -2.38 37.55
CA PHE B 99 -7.71 -2.74 37.66
C PHE B 99 -7.54 -4.20 37.22
N PHE B 100 -8.46 -5.05 37.68
CA PHE B 100 -8.43 -6.45 37.32
C PHE B 100 -8.69 -6.63 35.83
N ALA B 101 -9.79 -6.10 35.33
CA ALA B 101 -10.10 -6.27 33.93
C ALA B 101 -8.95 -5.91 33.01
N SER B 102 -8.22 -4.85 33.32
CA SER B 102 -7.10 -4.43 32.49
C SER B 102 -5.90 -5.36 32.57
N THR B 103 -5.55 -5.77 33.80
CA THR B 103 -4.41 -6.67 34.01
C THR B 103 -4.71 -8.05 33.48
N VAL B 104 -5.97 -8.35 33.23
CA VAL B 104 -6.32 -9.64 32.70
C VAL B 104 -6.21 -9.64 31.18
N LEU B 105 -6.44 -8.49 30.56
CA LEU B 105 -6.37 -8.41 29.11
C LEU B 105 -4.96 -8.06 28.64
N SER B 106 -4.16 -7.45 29.52
CA SER B 106 -2.77 -7.13 29.22
C SER B 106 -2.04 -8.41 29.58
N THR B 107 -2.82 -9.29 30.17
CA THR B 107 -2.41 -10.61 30.66
C THR B 107 -1.35 -10.58 31.76
N THR B 108 -1.40 -9.64 32.69
CA THR B 108 -0.43 -9.69 33.76
C THR B 108 -0.91 -10.69 34.83
N GLY B 109 -2.14 -10.56 35.29
CA GLY B 109 -2.73 -11.45 36.28
C GLY B 109 -2.04 -11.58 37.63
N TYR B 110 -2.03 -10.53 38.41
CA TYR B 110 -1.38 -10.62 39.70
C TYR B 110 -1.99 -11.71 40.56
N GLY B 111 -3.32 -11.78 40.59
CA GLY B 111 -3.98 -12.79 41.37
C GLY B 111 -4.39 -12.32 42.75
N HIS B 112 -4.00 -11.11 43.12
CA HIS B 112 -4.40 -10.59 44.41
C HIS B 112 -5.93 -10.54 44.38
N THR B 113 -6.47 -10.68 43.18
CA THR B 113 -7.90 -10.67 43.00
C THR B 113 -8.18 -11.66 41.90
N VAL B 114 -8.87 -12.73 42.26
CA VAL B 114 -9.24 -13.74 41.28
C VAL B 114 -10.76 -13.85 41.35
N PRO B 115 -11.40 -14.29 40.25
CA PRO B 115 -12.85 -14.41 40.31
C PRO B 115 -13.18 -15.53 41.28
N LEU B 116 -14.26 -15.34 42.04
CA LEU B 116 -14.68 -16.32 43.04
C LEU B 116 -15.84 -17.22 42.59
N SER B 117 -16.91 -16.66 42.02
CA SER B 117 -18.01 -17.53 41.63
C SER B 117 -17.61 -18.31 40.39
N ASP B 118 -18.57 -18.92 39.74
CA ASP B 118 -18.25 -19.67 38.54
C ASP B 118 -18.55 -18.74 37.39
N GLY B 119 -19.48 -17.82 37.64
CA GLY B 119 -19.87 -16.84 36.65
C GLY B 119 -18.67 -15.96 36.40
N GLY B 120 -18.06 -15.50 37.49
CA GLY B 120 -16.90 -14.66 37.35
C GLY B 120 -15.84 -15.38 36.57
N LYS B 121 -15.52 -16.60 37.00
CA LYS B 121 -14.52 -17.43 36.35
C LYS B 121 -14.85 -17.63 34.88
N ALA B 122 -16.11 -17.91 34.58
CA ALA B 122 -16.51 -18.11 33.20
C ALA B 122 -16.57 -16.81 32.41
N PHE B 123 -17.16 -15.76 33.00
CA PHE B 123 -17.24 -14.46 32.30
C PHE B 123 -15.85 -13.98 31.95
N CYS B 124 -14.95 -14.22 32.88
CA CYS B 124 -13.56 -13.84 32.76
C CYS B 124 -13.02 -14.48 31.48
N ILE B 125 -13.25 -15.78 31.35
CA ILE B 125 -12.78 -16.51 30.19
C ILE B 125 -13.28 -15.95 28.87
N ILE B 126 -14.58 -15.70 28.76
CA ILE B 126 -15.17 -15.15 27.54
C ILE B 126 -14.69 -13.72 27.32
N TYR B 127 -14.76 -12.94 28.41
CA TYR B 127 -14.36 -11.55 28.39
C TYR B 127 -12.97 -11.44 27.82
N SER B 128 -12.15 -12.43 28.13
CA SER B 128 -10.77 -12.49 27.67
C SER B 128 -10.63 -12.95 26.25
N VAL B 129 -11.35 -14.00 25.87
CA VAL B 129 -11.23 -14.51 24.50
C VAL B 129 -11.47 -13.38 23.53
N ILE B 130 -12.38 -12.50 23.92
CA ILE B 130 -12.75 -11.33 23.14
C ILE B 130 -11.76 -10.18 23.40
N GLY B 131 -11.51 -9.90 24.68
CA GLY B 131 -10.62 -8.81 25.06
C GLY B 131 -9.14 -8.93 24.73
N ILE B 132 -8.56 -10.08 25.01
CA ILE B 132 -7.15 -10.28 24.72
C ILE B 132 -6.83 -9.81 23.31
N PRO B 133 -7.54 -10.33 22.30
CA PRO B 133 -7.34 -9.98 20.89
C PRO B 133 -7.53 -8.49 20.67
N PHE B 134 -8.71 -8.05 21.10
CA PHE B 134 -9.14 -6.66 21.04
C PHE B 134 -7.96 -5.83 21.55
N THR B 135 -7.34 -6.32 22.63
CA THR B 135 -6.19 -5.67 23.27
C THR B 135 -4.94 -5.66 22.40
N LEU B 136 -4.78 -6.69 21.59
CA LEU B 136 -3.63 -6.71 20.71
C LEU B 136 -3.83 -5.60 19.70
N LEU B 137 -4.94 -5.69 18.97
CA LEU B 137 -5.29 -4.70 17.96
C LEU B 137 -5.09 -3.30 18.51
N PHE B 138 -5.63 -3.05 19.70
CA PHE B 138 -5.52 -1.76 20.37
C PHE B 138 -4.06 -1.36 20.48
N LEU B 139 -3.25 -2.27 21.02
CA LEU B 139 -1.84 -2.02 21.19
C LEU B 139 -1.15 -1.84 19.84
N THR B 140 -1.42 -2.74 18.91
CA THR B 140 -0.80 -2.68 17.61
C THR B 140 -0.92 -1.29 17.02
N ALA B 141 -2.14 -0.76 17.05
CA ALA B 141 -2.40 0.57 16.53
C ALA B 141 -1.61 1.63 17.31
N VAL B 142 -1.85 1.66 18.62
CA VAL B 142 -1.20 2.61 19.50
C VAL B 142 0.31 2.57 19.38
N VAL B 143 0.86 1.41 19.05
CA VAL B 143 2.30 1.32 18.91
C VAL B 143 2.74 1.68 17.51
N GLN B 144 2.08 1.14 16.49
CA GLN B 144 2.47 1.45 15.11
C GLN B 144 2.60 2.95 14.98
N ARG B 145 1.63 3.66 15.52
CA ARG B 145 1.63 5.10 15.44
C ARG B 145 2.78 5.71 16.23
N ILE B 146 2.85 5.39 17.51
CA ILE B 146 3.91 5.93 18.35
C ILE B 146 5.28 5.54 17.82
N THR B 147 5.38 4.33 17.27
CA THR B 147 6.66 3.83 16.72
C THR B 147 7.14 4.74 15.63
N VAL B 148 6.24 5.09 14.74
CA VAL B 148 6.58 5.95 13.64
C VAL B 148 6.99 7.35 14.05
N HIS B 149 6.20 7.98 14.92
CA HIS B 149 6.53 9.34 15.36
C HIS B 149 7.81 9.39 16.20
N VAL B 150 8.17 8.27 16.83
CA VAL B 150 9.39 8.19 17.63
C VAL B 150 10.55 7.63 16.81
N THR B 151 10.21 6.98 15.69
CA THR B 151 11.20 6.39 14.77
C THR B 151 10.99 6.80 13.28
N ARG B 152 10.86 8.12 13.12
CA ARG B 152 10.71 8.82 11.85
C ARG B 152 11.88 9.79 11.93
N ARG B 153 12.46 9.84 13.12
CA ARG B 153 13.59 10.69 13.41
C ARG B 153 14.93 10.05 13.04
N PRO B 154 14.99 8.71 12.85
CA PRO B 154 16.28 8.11 12.49
C PRO B 154 16.55 8.54 11.06
N VAL B 155 15.50 9.03 10.41
CA VAL B 155 15.55 9.51 9.04
C VAL B 155 15.97 10.99 9.00
N LEU B 156 15.44 11.82 9.91
CA LEU B 156 15.81 13.24 9.99
C LEU B 156 17.31 13.29 10.21
N TYR B 157 17.88 12.13 10.52
CA TYR B 157 19.30 11.98 10.74
C TYR B 157 20.05 11.25 9.61
N PHE B 158 19.32 10.52 8.76
CA PHE B 158 19.96 9.78 7.67
C PHE B 158 20.97 10.65 6.96
N SER B 165 25.51 7.95 9.34
CA SER B 165 24.96 7.53 8.05
C SER B 165 23.47 7.16 8.11
N LYS B 166 23.13 5.88 7.93
CA LYS B 166 21.74 5.44 7.98
C LYS B 166 21.50 4.34 9.03
N GLN B 167 22.18 3.21 8.85
CA GLN B 167 22.03 2.10 9.77
C GLN B 167 22.47 2.47 11.18
N VAL B 168 23.52 3.27 11.26
CA VAL B 168 24.04 3.66 12.54
C VAL B 168 23.20 4.71 13.24
N VAL B 169 22.33 5.39 12.52
CA VAL B 169 21.48 6.38 13.16
C VAL B 169 20.40 5.65 13.95
N ALA B 170 20.09 4.42 13.52
CA ALA B 170 19.08 3.61 14.20
C ALA B 170 19.63 2.89 15.42
N ILE B 171 20.84 2.34 15.31
CA ILE B 171 21.46 1.62 16.41
C ILE B 171 21.74 2.57 17.56
N VAL B 172 21.79 3.85 17.25
CA VAL B 172 21.99 4.85 18.27
C VAL B 172 20.65 5.36 18.76
N HIS B 173 19.67 5.41 17.86
CA HIS B 173 18.33 5.88 18.21
C HIS B 173 17.71 4.90 19.18
N ALA B 174 17.96 3.62 18.92
CA ALA B 174 17.43 2.54 19.74
C ALA B 174 18.03 2.54 21.14
N VAL B 175 19.35 2.38 21.21
CA VAL B 175 20.06 2.34 22.47
C VAL B 175 19.79 3.62 23.27
N LEU B 176 19.52 4.72 22.59
CA LEU B 176 19.25 5.96 23.29
C LEU B 176 17.82 5.93 23.82
N LEU B 177 16.90 5.47 22.98
CA LEU B 177 15.50 5.41 23.36
C LEU B 177 15.29 4.41 24.48
N GLY B 178 16.15 3.39 24.54
CA GLY B 178 16.03 2.41 25.60
C GLY B 178 16.35 3.08 26.92
N PHE B 179 17.54 3.68 26.98
CA PHE B 179 17.99 4.37 28.17
C PHE B 179 16.99 5.47 28.60
N VAL B 180 16.12 5.89 27.70
CA VAL B 180 15.13 6.93 28.01
C VAL B 180 13.96 6.40 28.84
N THR B 181 13.26 5.44 28.24
CA THR B 181 12.09 4.80 28.81
C THR B 181 12.43 3.88 29.98
N VAL B 182 13.63 3.30 29.96
CA VAL B 182 14.04 2.42 31.05
C VAL B 182 14.03 3.26 32.30
N SER B 183 14.50 4.49 32.15
CA SER B 183 14.59 5.45 33.23
C SER B 183 13.24 6.07 33.48
N CYS B 184 12.61 6.47 32.39
CA CYS B 184 11.33 7.14 32.45
C CYS B 184 10.15 6.29 32.93
N PHE B 185 10.21 4.97 32.71
CA PHE B 185 9.13 4.09 33.12
C PHE B 185 9.44 3.13 34.25
N PHE B 186 10.72 2.88 34.51
CA PHE B 186 11.11 2.00 35.62
C PHE B 186 11.64 2.77 36.81
N PHE B 187 12.71 3.54 36.61
CA PHE B 187 13.31 4.29 37.69
C PHE B 187 12.43 5.38 38.25
N ILE B 188 11.83 6.18 37.39
CA ILE B 188 10.97 7.23 37.90
C ILE B 188 9.82 6.62 38.71
N PRO B 189 9.12 5.61 38.15
CA PRO B 189 8.02 5.03 38.93
C PRO B 189 8.55 4.11 40.03
N ALA B 190 9.75 3.55 39.83
CA ALA B 190 10.33 2.68 40.85
C ALA B 190 10.49 3.52 42.10
N ALA B 191 10.78 4.80 41.89
CA ALA B 191 10.93 5.71 42.98
C ALA B 191 9.54 6.16 43.48
N VAL B 192 8.66 6.54 42.57
CA VAL B 192 7.31 6.97 42.94
C VAL B 192 6.61 5.95 43.85
N PHE B 193 6.90 4.68 43.64
CA PHE B 193 6.30 3.61 44.41
C PHE B 193 7.02 3.47 45.73
N SER B 194 8.34 3.67 45.73
CA SER B 194 9.14 3.57 46.96
C SER B 194 8.50 4.54 47.94
N VAL B 195 7.89 5.56 47.32
CA VAL B 195 7.17 6.63 48.00
C VAL B 195 5.81 6.13 48.42
N LEU B 196 4.89 6.05 47.46
CA LEU B 196 3.53 5.60 47.69
C LEU B 196 3.39 4.34 48.55
N GLU B 197 4.15 3.29 48.24
CA GLU B 197 4.11 2.03 49.00
C GLU B 197 5.17 2.03 50.10
N ASP B 198 4.71 1.93 51.33
CA ASP B 198 5.57 1.96 52.49
C ASP B 198 6.67 0.92 52.45
N ASP B 199 6.27 -0.29 52.81
CA ASP B 199 7.11 -1.47 52.90
C ASP B 199 7.97 -1.78 51.68
N TRP B 200 7.73 -1.07 50.58
CA TRP B 200 8.50 -1.27 49.35
C TRP B 200 9.72 -0.36 49.32
N ASN B 201 10.89 -0.97 49.17
CA ASN B 201 12.11 -0.19 49.06
C ASN B 201 12.26 0.04 47.56
N PHE B 202 13.40 0.55 47.11
CA PHE B 202 13.55 0.79 45.69
C PHE B 202 13.56 -0.50 44.91
N LEU B 203 14.50 -1.38 45.22
CA LEU B 203 14.57 -2.64 44.50
C LEU B 203 13.18 -3.26 44.37
N GLU B 204 12.45 -3.35 45.47
CA GLU B 204 11.12 -3.93 45.41
C GLU B 204 10.25 -3.16 44.45
N SER B 205 10.25 -1.84 44.55
CA SER B 205 9.43 -1.05 43.64
C SER B 205 9.85 -1.27 42.20
N PHE B 206 11.17 -1.25 41.96
CA PHE B 206 11.70 -1.45 40.64
C PHE B 206 11.36 -2.86 40.16
N TYR B 207 11.63 -3.84 41.02
CA TYR B 207 11.37 -5.24 40.74
C TYR B 207 9.92 -5.41 40.31
N PHE B 208 9.02 -4.72 41.00
CA PHE B 208 7.60 -4.78 40.70
C PHE B 208 7.31 -4.29 39.29
N CYS B 209 7.93 -3.18 38.94
CA CYS B 209 7.75 -2.60 37.64
C CYS B 209 8.21 -3.53 36.55
N PHE B 210 9.35 -4.17 36.76
CA PHE B 210 9.83 -5.08 35.75
C PHE B 210 8.81 -6.19 35.50
N ILE B 211 8.48 -6.98 36.53
CA ILE B 211 7.54 -8.08 36.34
C ILE B 211 6.14 -7.63 35.96
N SER B 212 5.86 -6.33 36.07
CA SER B 212 4.54 -5.81 35.70
C SER B 212 4.51 -5.47 34.21
N LEU B 213 5.48 -4.69 33.79
CA LEU B 213 5.55 -4.27 32.41
C LEU B 213 6.00 -5.41 31.51
N SER B 214 6.44 -6.51 32.10
CA SER B 214 6.87 -7.64 31.29
C SER B 214 5.66 -8.55 31.11
N THR B 215 4.62 -8.23 31.89
CA THR B 215 3.34 -8.94 32.00
C THR B 215 3.55 -10.29 32.68
N ILE B 216 4.60 -10.44 33.46
CA ILE B 216 4.80 -11.69 34.16
C ILE B 216 3.79 -11.72 35.31
N GLY B 217 3.75 -10.64 36.09
CA GLY B 217 2.79 -10.55 37.16
C GLY B 217 2.75 -11.58 38.26
N LEU B 218 3.91 -11.89 38.85
CA LEU B 218 3.93 -12.84 39.94
C LEU B 218 2.90 -12.45 41.00
N GLY B 219 2.78 -11.17 41.30
CA GLY B 219 1.82 -10.74 42.30
C GLY B 219 2.34 -10.75 43.71
N ASP B 220 3.63 -10.95 43.91
CA ASP B 220 4.15 -10.93 45.27
C ASP B 220 3.97 -9.48 45.77
N TYR B 221 4.07 -8.52 44.84
CA TYR B 221 3.89 -7.11 45.13
C TYR B 221 2.82 -6.53 44.21
N VAL B 222 1.88 -5.81 44.81
CA VAL B 222 0.81 -5.14 44.07
C VAL B 222 0.62 -3.81 44.76
N PRO B 223 0.66 -2.72 44.00
CA PRO B 223 0.47 -1.42 44.63
C PRO B 223 -0.97 -1.12 45.00
N GLY B 224 -1.12 -0.28 46.02
CA GLY B 224 -2.43 0.13 46.46
C GLY B 224 -3.12 -0.92 47.30
N GLU B 225 -2.37 -1.51 48.22
CA GLU B 225 -2.95 -2.54 49.06
C GLU B 225 -2.38 -2.46 50.47
N GLY B 226 -2.31 -1.26 51.02
CA GLY B 226 -1.77 -1.10 52.36
C GLY B 226 -2.82 -0.73 53.40
N TYR B 227 -2.68 -1.26 54.61
CA TYR B 227 -3.63 -0.97 55.67
C TYR B 227 -3.81 0.55 55.80
N ASN B 228 -5.01 1.04 55.48
CA ASN B 228 -5.34 2.47 55.56
C ASN B 228 -4.72 3.32 54.43
N GLN B 229 -5.11 3.05 53.20
CA GLN B 229 -4.60 3.79 52.02
C GLN B 229 -5.65 4.82 51.58
N LYS B 230 -5.28 6.09 51.63
CA LYS B 230 -6.20 7.18 51.27
C LYS B 230 -6.21 7.58 49.80
N PHE B 231 -7.42 7.76 49.26
CA PHE B 231 -7.61 8.14 47.86
C PHE B 231 -7.24 6.94 47.00
N ARG B 232 -7.32 5.75 47.61
CA ARG B 232 -6.99 4.49 46.94
C ARG B 232 -7.70 4.29 45.61
N GLU B 233 -8.96 4.70 45.54
CA GLU B 233 -9.74 4.55 44.33
C GLU B 233 -8.99 5.00 43.09
N LEU B 234 -8.35 6.16 43.22
CA LEU B 234 -7.57 6.74 42.13
C LEU B 234 -6.28 5.98 41.91
N TYR B 235 -5.54 5.78 43.00
CA TYR B 235 -4.26 5.08 42.93
C TYR B 235 -4.43 3.89 42.01
N LYS B 236 -5.58 3.24 42.10
CA LYS B 236 -5.87 2.09 41.26
C LYS B 236 -5.90 2.55 39.81
N ILE B 237 -6.77 3.52 39.54
CA ILE B 237 -6.94 4.06 38.19
C ILE B 237 -5.63 4.61 37.66
N GLY B 238 -4.77 5.07 38.57
CA GLY B 238 -3.49 5.60 38.15
C GLY B 238 -2.61 4.44 37.71
N ILE B 239 -2.55 3.42 38.55
CA ILE B 239 -1.75 2.25 38.25
C ILE B 239 -2.19 1.66 36.93
N THR B 240 -3.49 1.41 36.82
CA THR B 240 -4.05 0.82 35.61
C THR B 240 -3.47 1.50 34.39
N CYS B 241 -3.22 2.80 34.52
CA CYS B 241 -2.68 3.59 33.42
C CYS B 241 -1.19 3.46 33.36
N TYR B 242 -0.54 3.42 34.52
CA TYR B 242 0.90 3.27 34.50
C TYR B 242 1.23 2.01 33.73
N LEU B 243 0.60 0.93 34.15
CA LEU B 243 0.83 -0.36 33.53
C LEU B 243 0.48 -0.30 32.05
N LEU B 244 -0.69 0.21 31.72
CA LEU B 244 -1.10 0.26 30.33
C LEU B 244 -0.12 0.97 29.41
N LEU B 245 0.29 2.17 29.81
CA LEU B 245 1.23 3.00 29.03
C LEU B 245 2.60 2.37 28.96
N GLY B 246 3.08 1.91 30.11
CA GLY B 246 4.39 1.29 30.20
C GLY B 246 4.54 0.09 29.26
N LEU B 247 3.43 -0.59 29.02
CA LEU B 247 3.42 -1.73 28.13
C LEU B 247 3.61 -1.20 26.71
N ILE B 248 2.80 -0.20 26.36
CA ILE B 248 2.89 0.41 25.05
C ILE B 248 4.35 0.84 24.84
N ALA B 249 4.89 1.51 25.85
CA ALA B 249 6.26 1.98 25.79
C ALA B 249 7.23 0.84 25.52
N MET B 250 7.05 -0.27 26.22
CA MET B 250 7.93 -1.38 25.98
C MET B 250 7.84 -1.82 24.53
N LEU B 251 6.63 -2.13 24.09
CA LEU B 251 6.41 -2.59 22.74
C LEU B 251 7.01 -1.61 21.73
N VAL B 252 6.84 -0.33 22.01
CA VAL B 252 7.40 0.70 21.13
C VAL B 252 8.88 0.46 21.02
N VAL B 253 9.53 0.32 22.17
CA VAL B 253 10.97 0.10 22.24
C VAL B 253 11.33 -1.25 21.66
N LEU B 254 10.41 -2.19 21.74
CA LEU B 254 10.68 -3.49 21.20
C LEU B 254 10.68 -3.43 19.69
N GLU B 255 9.69 -2.76 19.11
CA GLU B 255 9.61 -2.67 17.66
C GLU B 255 10.87 -1.98 17.17
N THR B 256 11.20 -0.86 17.81
CA THR B 256 12.36 -0.07 17.46
C THR B 256 13.63 -0.91 17.47
N PHE B 257 13.66 -1.93 18.30
CA PHE B 257 14.82 -2.79 18.34
C PHE B 257 14.69 -3.96 17.37
N CYS B 258 13.50 -4.52 17.29
CA CYS B 258 13.23 -5.66 16.41
C CYS B 258 13.39 -5.28 14.93
N GLU B 259 13.46 -3.98 14.67
CA GLU B 259 13.59 -3.46 13.31
C GLU B 259 14.94 -2.87 12.94
N LEU B 260 16.00 -3.29 13.60
CA LEU B 260 17.34 -2.80 13.27
C LEU B 260 17.88 -3.85 12.31
N HIS B 261 18.66 -3.44 11.31
CA HIS B 261 19.15 -4.41 10.35
C HIS B 261 19.71 -5.66 10.99
N GLU B 262 20.73 -5.49 11.82
CA GLU B 262 21.36 -6.62 12.45
C GLU B 262 20.40 -7.63 13.09
N LEU B 263 19.28 -7.14 13.61
CA LEU B 263 18.32 -8.04 14.23
C LEU B 263 17.52 -8.82 13.20
N LYS B 264 16.92 -8.12 12.24
CA LYS B 264 16.15 -8.78 11.20
C LYS B 264 17.05 -9.84 10.57
N LYS B 265 18.36 -9.59 10.65
CA LYS B 265 19.36 -10.51 10.13
C LYS B 265 19.43 -11.75 11.04
N PHE B 266 19.68 -11.50 12.31
CA PHE B 266 19.78 -12.57 13.29
C PHE B 266 18.48 -13.39 13.35
N ARG B 267 17.35 -12.71 13.32
CA ARG B 267 16.05 -13.39 13.38
C ARG B 267 15.87 -14.29 12.17
N LYS B 268 15.93 -13.67 10.99
CA LYS B 268 15.75 -14.35 9.72
C LYS B 268 16.59 -15.62 9.63
N MET B 269 17.70 -15.61 10.36
CA MET B 269 18.63 -16.71 10.40
C MET B 269 18.05 -18.05 10.85
N PHE B 270 16.78 -18.07 11.30
CA PHE B 270 16.21 -19.33 11.77
C PHE B 270 14.98 -19.92 11.08
N TYR B 271 14.39 -19.24 10.09
CA TYR B 271 13.20 -19.77 9.42
C TYR B 271 13.46 -20.74 8.28
N ASN C 8 -22.53 25.03 -6.56
CA ASN C 8 -21.49 25.98 -7.01
C ASN C 8 -20.48 25.28 -7.92
N SER C 9 -20.34 23.98 -7.74
CA SER C 9 -19.42 23.15 -8.52
C SER C 9 -19.90 23.05 -9.97
N ALA C 10 -21.19 23.30 -10.16
CA ALA C 10 -21.80 23.24 -11.47
C ALA C 10 -21.41 24.44 -12.32
N THR C 11 -21.14 25.57 -11.68
CA THR C 11 -20.75 26.77 -12.42
C THR C 11 -19.25 26.76 -12.71
N MET C 12 -18.52 25.89 -12.02
CA MET C 12 -17.08 25.77 -12.24
C MET C 12 -16.84 24.97 -13.53
N PHE C 13 -17.47 23.81 -13.62
CA PHE C 13 -17.35 22.96 -14.81
C PHE C 13 -18.05 23.65 -15.98
N GLY C 14 -19.16 24.32 -15.68
CA GLY C 14 -19.90 25.01 -16.71
C GLY C 14 -19.10 26.13 -17.35
N PHE C 15 -18.23 26.76 -16.57
CA PHE C 15 -17.38 27.85 -17.06
C PHE C 15 -16.18 27.28 -17.81
N LEU C 16 -15.68 26.16 -17.31
CA LEU C 16 -14.55 25.48 -17.93
C LEU C 16 -14.97 25.15 -19.37
N VAL C 17 -16.11 24.49 -19.50
CA VAL C 17 -16.64 24.11 -20.80
C VAL C 17 -16.81 25.32 -21.71
N LEU C 18 -17.23 26.43 -21.12
CA LEU C 18 -17.43 27.65 -21.88
C LEU C 18 -16.07 28.20 -22.33
N GLY C 19 -15.20 28.49 -21.36
CA GLY C 19 -13.89 29.05 -21.65
C GLY C 19 -13.07 28.26 -22.64
N TYR C 20 -13.22 26.94 -22.60
CA TYR C 20 -12.49 26.10 -23.51
C TYR C 20 -12.97 26.46 -24.92
N LEU C 21 -14.27 26.34 -25.13
CA LEU C 21 -14.87 26.64 -26.43
C LEU C 21 -14.43 27.99 -26.97
N LEU C 22 -14.30 28.94 -26.08
CA LEU C 22 -13.87 30.27 -26.48
C LEU C 22 -12.40 30.22 -26.86
N TYR C 23 -11.60 29.54 -26.05
CA TYR C 23 -10.17 29.45 -26.34
C TYR C 23 -10.01 28.93 -27.77
N LEU C 24 -10.92 28.03 -28.17
CA LEU C 24 -10.92 27.43 -29.51
C LEU C 24 -11.28 28.43 -30.58
N VAL C 25 -12.23 29.30 -30.27
CA VAL C 25 -12.66 30.32 -31.21
C VAL C 25 -11.61 31.42 -31.25
N PHE C 26 -11.04 31.69 -30.09
CA PHE C 26 -10.01 32.69 -29.96
C PHE C 26 -8.88 32.32 -30.90
N GLY C 27 -8.33 31.12 -30.71
CA GLY C 27 -7.24 30.68 -31.56
C GLY C 27 -7.65 30.59 -33.01
N ALA C 28 -8.87 30.09 -33.24
CA ALA C 28 -9.40 29.92 -34.60
C ALA C 28 -9.37 31.24 -35.35
N VAL C 29 -9.45 32.32 -34.60
CA VAL C 29 -9.45 33.66 -35.16
C VAL C 29 -8.02 34.18 -35.36
N VAL C 30 -7.21 34.05 -34.32
CA VAL C 30 -5.82 34.50 -34.37
C VAL C 30 -5.08 33.82 -35.51
N PHE C 31 -5.36 32.52 -35.69
CA PHE C 31 -4.73 31.70 -36.74
C PHE C 31 -5.28 32.13 -38.09
N SER C 32 -6.61 32.30 -38.12
CA SER C 32 -7.33 32.68 -39.32
C SER C 32 -6.65 33.88 -39.97
N SER C 33 -6.50 34.94 -39.18
CA SER C 33 -5.90 36.17 -39.64
C SER C 33 -4.41 36.10 -39.94
N VAL C 34 -3.57 35.67 -39.01
CA VAL C 34 -2.15 35.66 -39.32
C VAL C 34 -1.73 34.73 -40.43
N GLU C 35 -2.30 33.53 -40.46
CA GLU C 35 -1.90 32.59 -41.50
C GLU C 35 -2.61 32.69 -42.85
N LEU C 36 -3.80 33.29 -42.86
CA LEU C 36 -4.56 33.43 -44.11
C LEU C 36 -3.84 34.22 -45.22
N PRO C 37 -3.28 35.40 -44.88
CA PRO C 37 -2.56 36.28 -45.80
C PRO C 37 -1.44 35.59 -46.54
N TYR C 38 -0.64 34.80 -45.82
CA TYR C 38 0.48 34.11 -46.46
C TYR C 38 -0.04 33.09 -47.44
N GLU C 39 -1.28 32.68 -47.23
CA GLU C 39 -1.87 31.72 -48.11
C GLU C 39 -2.27 32.38 -49.45
N ASP C 40 -2.96 33.53 -49.39
CA ASP C 40 -3.40 34.24 -50.59
C ASP C 40 -2.21 34.53 -51.47
N LEU C 41 -1.13 34.97 -50.82
CA LEU C 41 0.11 35.30 -51.52
C LEU C 41 0.76 34.03 -52.06
N LEU C 42 0.59 32.91 -51.37
CA LEU C 42 1.16 31.66 -51.84
C LEU C 42 0.29 31.07 -52.93
N ARG C 43 -1.01 31.32 -52.84
CA ARG C 43 -1.92 30.84 -53.87
C ARG C 43 -1.49 31.51 -55.20
N GLN C 44 -1.10 32.78 -55.11
CA GLN C 44 -0.67 33.53 -56.27
C GLN C 44 0.66 33.02 -56.80
N GLU C 45 1.68 32.97 -55.97
CA GLU C 45 2.98 32.50 -56.43
C GLU C 45 2.84 31.15 -57.16
N LEU C 46 1.80 30.39 -56.83
CA LEU C 46 1.57 29.11 -57.49
C LEU C 46 0.79 29.26 -58.77
N ARG C 47 -0.32 30.00 -58.72
CA ARG C 47 -1.15 30.23 -59.92
C ARG C 47 -0.29 30.91 -60.98
N LYS C 48 0.64 31.75 -60.52
CA LYS C 48 1.55 32.49 -61.38
C LYS C 48 2.64 31.54 -61.92
N LEU C 49 3.19 30.68 -61.08
CA LEU C 49 4.21 29.74 -61.55
C LEU C 49 3.57 28.61 -62.35
N LYS C 50 2.26 28.46 -62.22
CA LYS C 50 1.55 27.42 -62.96
C LYS C 50 1.41 27.90 -64.42
N ARG C 51 0.87 29.11 -64.59
CA ARG C 51 0.66 29.71 -65.91
C ARG C 51 1.98 29.77 -66.67
N ARG C 52 2.96 30.38 -66.02
CA ARG C 52 4.29 30.55 -66.59
C ARG C 52 4.99 29.25 -66.97
N PHE C 53 4.69 28.14 -66.29
CA PHE C 53 5.36 26.90 -66.65
C PHE C 53 4.89 26.34 -67.97
N LEU C 54 3.57 26.20 -68.11
CA LEU C 54 3.02 25.67 -69.34
C LEU C 54 3.31 26.62 -70.52
N GLU C 55 2.83 27.85 -70.39
CA GLU C 55 3.00 28.88 -71.40
C GLU C 55 4.46 29.25 -71.61
N GLU C 56 5.27 29.10 -70.57
CA GLU C 56 6.68 29.46 -70.63
C GLU C 56 7.57 28.51 -71.41
N HIS C 57 7.41 27.21 -71.18
CA HIS C 57 8.24 26.26 -71.86
C HIS C 57 7.48 25.00 -72.10
N GLU C 58 6.61 25.04 -73.11
CA GLU C 58 5.80 23.91 -73.50
C GLU C 58 6.59 22.60 -73.36
N CYS C 59 7.52 22.32 -74.27
CA CYS C 59 8.27 21.06 -74.25
C CYS C 59 9.56 20.92 -73.42
N LEU C 60 9.60 21.57 -72.24
CA LEU C 60 10.74 21.56 -71.30
C LEU C 60 11.28 20.16 -70.99
N SER C 61 12.58 20.07 -70.71
CA SER C 61 13.29 18.81 -70.42
C SER C 61 13.24 18.26 -68.99
N GLU C 62 13.98 17.18 -68.75
CA GLU C 62 14.01 16.53 -67.43
C GLU C 62 14.40 17.53 -66.34
N GLN C 63 15.32 18.44 -66.66
CA GLN C 63 15.78 19.46 -65.72
C GLN C 63 14.76 20.57 -65.48
N GLN C 64 13.90 20.81 -66.46
CA GLN C 64 12.87 21.84 -66.37
C GLN C 64 11.60 21.38 -65.61
N LEU C 65 11.37 20.07 -65.56
CA LEU C 65 10.19 19.51 -64.88
C LEU C 65 10.45 19.40 -63.38
N GLU C 66 11.62 18.85 -63.02
CA GLU C 66 11.99 18.68 -61.63
C GLU C 66 11.95 20.00 -60.90
N GLN C 67 12.17 21.10 -61.64
CA GLN C 67 12.15 22.44 -61.05
C GLN C 67 10.73 22.96 -60.83
N PHE C 68 9.78 22.53 -61.67
CA PHE C 68 8.39 22.97 -61.47
C PHE C 68 7.77 22.09 -60.40
N LEU C 69 7.91 20.78 -60.56
CA LEU C 69 7.38 19.82 -59.61
C LEU C 69 7.91 20.09 -58.21
N GLY C 70 9.18 20.46 -58.12
CA GLY C 70 9.74 20.77 -56.83
C GLY C 70 8.86 21.82 -56.18
N ARG C 71 8.78 23.01 -56.78
CA ARG C 71 7.96 24.10 -56.21
C ARG C 71 6.47 23.75 -56.01
N VAL C 72 5.97 22.75 -56.73
CA VAL C 72 4.58 22.35 -56.58
C VAL C 72 4.42 21.47 -55.34
N LEU C 73 5.29 20.48 -55.22
CA LEU C 73 5.26 19.59 -54.08
C LEU C 73 5.52 20.35 -52.80
N GLU C 74 6.50 21.26 -52.81
CA GLU C 74 6.81 22.07 -51.64
C GLU C 74 5.55 22.78 -51.15
N ALA C 75 4.71 23.24 -52.07
CA ALA C 75 3.47 23.93 -51.73
C ALA C 75 2.44 22.98 -51.12
N SER C 76 2.48 21.75 -51.64
CA SER C 76 1.59 20.70 -51.19
C SER C 76 1.84 20.39 -49.72
N ASN C 77 3.10 20.18 -49.36
CA ASN C 77 3.49 19.87 -48.00
C ASN C 77 3.04 20.93 -47.06
N TYR C 78 2.75 22.13 -47.56
CA TYR C 78 2.31 23.21 -46.69
C TYR C 78 0.82 23.48 -46.72
N GLY C 79 0.08 22.58 -47.37
CA GLY C 79 -1.37 22.70 -47.42
C GLY C 79 -1.97 23.38 -48.63
N VAL C 80 -1.11 23.93 -49.47
CA VAL C 80 -1.57 24.63 -50.66
C VAL C 80 -1.25 23.80 -51.89
N SER C 81 -2.28 23.41 -52.61
CA SER C 81 -2.12 22.61 -53.81
C SER C 81 -2.20 23.48 -55.03
N VAL C 82 -1.43 23.12 -56.05
CA VAL C 82 -1.43 23.88 -57.28
C VAL C 82 -2.80 23.76 -57.97
N LEU C 83 -3.30 22.53 -58.05
CA LEU C 83 -4.57 22.26 -58.71
C LEU C 83 -5.76 23.02 -58.11
N TRP C 90 -9.92 26.36 -49.29
CA TRP C 90 -9.17 27.32 -48.47
C TRP C 90 -8.86 26.74 -47.08
N ASN C 91 -7.59 26.88 -46.65
CA ASN C 91 -7.09 26.33 -45.38
C ASN C 91 -7.31 27.13 -44.13
N TRP C 92 -7.17 28.43 -44.21
CA TRP C 92 -7.27 29.22 -43.00
C TRP C 92 -8.47 30.11 -42.77
N ASP C 93 -9.63 29.75 -43.30
CA ASP C 93 -10.80 30.56 -43.02
C ASP C 93 -11.06 30.28 -41.54
N PHE C 94 -12.12 30.80 -40.98
CA PHE C 94 -12.30 30.55 -39.57
C PHE C 94 -13.01 29.24 -39.30
N THR C 95 -13.84 28.80 -40.23
CA THR C 95 -14.51 27.54 -39.98
C THR C 95 -13.47 26.40 -40.02
N SER C 96 -12.43 26.58 -40.85
CA SER C 96 -11.38 25.59 -40.98
C SER C 96 -10.24 25.85 -40.01
N ALA C 97 -10.07 27.12 -39.62
CA ALA C 97 -9.01 27.47 -38.67
C ALA C 97 -9.44 27.04 -37.28
N LEU C 98 -10.76 26.92 -37.09
CA LEU C 98 -11.29 26.44 -35.83
C LEU C 98 -11.01 24.93 -35.80
N PHE C 99 -11.15 24.30 -36.97
CA PHE C 99 -10.89 22.88 -37.13
C PHE C 99 -9.44 22.60 -36.75
N PHE C 100 -8.53 23.46 -37.20
CA PHE C 100 -7.13 23.30 -36.89
C PHE C 100 -6.87 23.50 -35.40
N ALA C 101 -7.32 24.62 -34.85
CA ALA C 101 -7.09 24.87 -33.44
C ALA C 101 -7.52 23.73 -32.55
N SER C 102 -8.65 23.09 -32.85
CA SER C 102 -9.12 22.00 -32.03
C SER C 102 -8.29 20.72 -32.17
N THR C 103 -7.96 20.36 -33.40
CA THR C 103 -7.16 19.17 -33.67
C THR C 103 -5.73 19.35 -33.18
N VAL C 104 -5.32 20.58 -32.90
CA VAL C 104 -3.98 20.81 -32.41
C VAL C 104 -3.95 20.65 -30.88
N LEU C 105 -5.06 20.96 -30.23
CA LEU C 105 -5.12 20.84 -28.79
C LEU C 105 -5.57 19.45 -28.34
N SER C 106 -6.25 18.72 -29.24
CA SER C 106 -6.69 17.35 -28.95
C SER C 106 -5.49 16.54 -29.39
N THR C 107 -4.55 17.27 -29.96
CA THR C 107 -3.30 16.76 -30.50
C THR C 107 -3.42 15.74 -31.63
N THR C 108 -4.39 15.89 -32.52
CA THR C 108 -4.44 14.96 -33.62
C THR C 108 -3.43 15.38 -34.71
N GLY C 109 -3.48 16.64 -35.13
CA GLY C 109 -2.57 17.18 -36.13
C GLY C 109 -2.54 16.52 -37.50
N TYR C 110 -3.61 16.61 -38.26
CA TYR C 110 -3.60 15.99 -39.57
C TYR C 110 -2.49 16.55 -40.44
N GLY C 111 -2.32 17.87 -40.42
CA GLY C 111 -1.28 18.46 -41.22
C GLY C 111 -1.75 18.96 -42.57
N HIS C 112 -2.99 18.68 -42.92
CA HIS C 112 -3.52 19.14 -44.19
C HIS C 112 -3.45 20.66 -44.11
N THR C 113 -3.23 21.15 -42.90
CA THR C 113 -3.12 22.58 -42.68
C THR C 113 -2.07 22.76 -41.62
N VAL C 114 -0.96 23.38 -41.99
CA VAL C 114 0.09 23.65 -41.03
C VAL C 114 0.31 25.15 -41.06
N PRO C 115 0.83 25.72 -39.95
CA PRO C 115 1.05 27.17 -39.98
C PRO C 115 2.19 27.42 -40.97
N LEU C 116 2.08 28.54 -41.69
CA LEU C 116 3.06 28.91 -42.70
C LEU C 116 4.07 29.95 -42.24
N SER C 117 3.60 31.05 -41.64
CA SER C 117 4.56 32.08 -41.25
C SER C 117 5.34 31.58 -40.06
N ASP C 118 6.05 32.48 -39.38
CA ASP C 118 6.80 32.06 -38.22
C ASP C 118 5.94 32.40 -37.03
N GLY C 119 5.08 33.41 -37.23
CA GLY C 119 4.17 33.84 -36.19
C GLY C 119 3.20 32.71 -35.96
N GLY C 120 2.66 32.17 -37.05
CA GLY C 120 1.72 31.08 -36.91
C GLY C 120 2.38 29.93 -36.18
N LYS C 121 3.56 29.54 -36.66
CA LYS C 121 4.32 28.46 -36.06
C LYS C 121 4.58 28.73 -34.58
N ALA C 122 4.98 29.95 -34.26
CA ALA C 122 5.25 30.30 -32.88
C ALA C 122 3.97 30.44 -32.06
N PHE C 123 2.96 31.12 -32.58
CA PHE C 123 1.70 31.30 -31.85
C PHE C 123 1.10 29.95 -31.53
N CYS C 124 1.24 29.05 -32.50
CA CYS C 124 0.77 27.69 -32.39
C CYS C 124 1.39 27.07 -31.15
N ILE C 125 2.72 27.19 -31.05
CA ILE C 125 3.45 26.64 -29.92
C ILE C 125 2.94 27.12 -28.58
N ILE C 126 2.81 28.44 -28.43
CA ILE C 126 2.34 29.03 -27.18
C ILE C 126 0.88 28.67 -26.96
N TYR C 127 0.09 28.83 -28.01
CA TYR C 127 -1.33 28.54 -27.96
C TYR C 127 -1.53 27.15 -27.40
N SER C 128 -0.63 26.25 -27.79
CA SER C 128 -0.67 24.86 -27.36
C SER C 128 -0.20 24.65 -25.94
N VAL C 129 0.93 25.26 -25.57
CA VAL C 129 1.48 25.07 -24.22
C VAL C 129 0.38 25.38 -23.22
N ILE C 130 -0.42 26.36 -23.56
CA ILE C 130 -1.54 26.78 -22.74
C ILE C 130 -2.79 25.92 -22.99
N GLY C 131 -3.11 25.71 -24.26
CA GLY C 131 -4.28 24.93 -24.62
C GLY C 131 -4.28 23.44 -24.33
N ILE C 132 -3.18 22.76 -24.68
CA ILE C 132 -3.08 21.33 -24.45
C ILE C 132 -3.55 21.02 -23.01
N PRO C 133 -2.93 21.66 -22.00
CA PRO C 133 -3.26 21.45 -20.59
C PRO C 133 -4.71 21.75 -20.33
N PHE C 134 -5.08 22.97 -20.72
CA PHE C 134 -6.43 23.51 -20.61
C PHE C 134 -7.37 22.41 -21.12
N THR C 135 -6.97 21.79 -22.22
CA THR C 135 -7.72 20.72 -22.87
C THR C 135 -7.83 19.46 -22.04
N LEU C 136 -6.80 19.17 -21.26
CA LEU C 136 -6.81 18.00 -20.41
C LEU C 136 -7.88 18.28 -19.37
N LEU C 137 -7.69 19.36 -18.63
CA LEU C 137 -8.62 19.76 -17.59
C LEU C 137 -10.05 19.66 -18.09
N PHE C 138 -10.26 20.26 -19.25
CA PHE C 138 -11.57 20.27 -19.88
C PHE C 138 -12.09 18.84 -20.01
N LEU C 139 -11.28 17.98 -20.60
CA LEU C 139 -11.66 16.60 -20.80
C LEU C 139 -11.87 15.88 -19.48
N THR C 140 -10.92 16.06 -18.57
CA THR C 140 -10.98 15.42 -17.29
C THR C 140 -12.34 15.64 -16.67
N ALA C 141 -12.77 16.90 -16.65
CA ALA C 141 -14.06 17.23 -16.07
C ALA C 141 -15.21 16.57 -16.83
N VAL C 142 -15.24 16.85 -18.13
CA VAL C 142 -16.27 16.30 -19.00
C VAL C 142 -16.34 14.79 -18.91
N VAL C 143 -15.22 14.14 -18.65
CA VAL C 143 -15.23 12.69 -18.55
C VAL C 143 -15.60 12.23 -17.14
N GLN C 144 -14.99 12.81 -16.11
CA GLN C 144 -15.29 12.40 -14.75
C GLN C 144 -16.79 12.38 -14.57
N ARG C 145 -17.43 13.43 -15.05
CA ARG C 145 -18.87 13.55 -14.93
C ARG C 145 -19.59 12.47 -15.74
N ILE C 146 -19.31 12.42 -17.05
CA ILE C 146 -19.96 11.42 -17.90
C ILE C 146 -19.66 10.01 -17.41
N THR C 147 -18.44 9.79 -16.90
CA THR C 147 -18.02 8.47 -16.41
C THR C 147 -18.95 8.03 -15.29
N VAL C 148 -19.20 8.93 -14.37
CA VAL C 148 -20.06 8.62 -13.25
C VAL C 148 -21.50 8.35 -13.64
N HIS C 149 -22.10 9.20 -14.47
CA HIS C 149 -23.49 9.00 -14.88
C HIS C 149 -23.67 7.75 -15.75
N VAL C 150 -22.61 7.32 -16.42
CA VAL C 150 -22.64 6.11 -17.25
C VAL C 150 -22.16 4.89 -16.48
N THR C 151 -21.44 5.14 -15.38
CA THR C 151 -20.90 4.09 -14.51
C THR C 151 -21.25 4.29 -13.00
N ARG C 152 -22.55 4.52 -12.79
CA ARG C 152 -23.22 4.70 -11.50
C ARG C 152 -24.29 3.62 -11.57
N ARG C 153 -24.41 3.07 -12.77
CA ARG C 153 -25.34 2.01 -13.09
C ARG C 153 -24.80 0.61 -12.77
N PRO C 154 -23.45 0.43 -12.63
CA PRO C 154 -22.96 -0.91 -12.32
C PRO C 154 -23.35 -1.19 -10.89
N VAL C 155 -23.74 -0.11 -10.19
CA VAL C 155 -24.20 -0.16 -8.80
C VAL C 155 -25.71 -0.46 -8.72
N LEU C 156 -26.52 0.15 -9.61
CA LEU C 156 -27.97 -0.09 -9.66
C LEU C 156 -28.16 -1.59 -9.92
N TYR C 157 -27.05 -2.24 -10.27
CA TYR C 157 -27.01 -3.66 -10.55
C TYR C 157 -26.31 -4.50 -9.45
N PHE C 158 -25.49 -3.86 -8.60
CA PHE C 158 -24.78 -4.57 -7.55
C PHE C 158 -25.71 -5.54 -6.83
N SER C 165 -23.44 -10.19 -9.42
CA SER C 165 -22.96 -9.73 -8.13
C SER C 165 -22.47 -8.26 -8.15
N LYS C 166 -21.17 -8.04 -8.00
CA LYS C 166 -20.61 -6.68 -8.03
C LYS C 166 -19.52 -6.49 -9.10
N GLN C 167 -18.45 -7.25 -8.98
CA GLN C 167 -17.35 -7.17 -9.93
C GLN C 167 -17.78 -7.55 -11.33
N VAL C 168 -18.67 -8.53 -11.41
CA VAL C 168 -19.14 -8.99 -12.70
C VAL C 168 -20.14 -8.04 -13.36
N VAL C 169 -20.74 -7.14 -12.59
CA VAL C 169 -21.67 -6.19 -13.17
C VAL C 169 -20.87 -5.14 -13.96
N ALA C 170 -19.62 -4.95 -13.57
CA ALA C 170 -18.74 -3.99 -14.23
C ALA C 170 -18.09 -4.56 -15.49
N ILE C 171 -17.65 -5.81 -15.42
CA ILE C 171 -17.01 -6.45 -16.55
C ILE C 171 -17.99 -6.63 -17.69
N VAL C 172 -19.27 -6.58 -17.35
CA VAL C 172 -20.32 -6.68 -18.34
C VAL C 172 -20.74 -5.28 -18.78
N HIS C 173 -20.69 -4.33 -17.86
CA HIS C 173 -21.05 -2.95 -18.15
C HIS C 173 -20.03 -2.38 -19.13
N ALA C 174 -18.78 -2.73 -18.90
CA ALA C 174 -17.68 -2.27 -19.74
C ALA C 174 -17.76 -2.82 -21.16
N VAL C 175 -17.71 -4.16 -21.27
CA VAL C 175 -17.77 -4.83 -22.55
C VAL C 175 -19.05 -4.45 -23.34
N LEU C 176 -20.10 -4.11 -22.60
CA LEU C 176 -21.36 -3.72 -23.24
C LEU C 176 -21.23 -2.28 -23.74
N LEU C 177 -20.69 -1.42 -22.89
CA LEU C 177 -20.50 -0.01 -23.24
C LEU C 177 -19.50 0.15 -24.38
N GLY C 178 -18.55 -0.78 -24.49
CA GLY C 178 -17.58 -0.72 -25.57
C GLY C 178 -18.31 -0.95 -26.88
N PHE C 179 -19.02 -2.08 -26.95
CA PHE C 179 -19.79 -2.43 -28.13
C PHE C 179 -20.81 -1.33 -28.52
N VAL C 180 -21.16 -0.47 -27.57
CA VAL C 180 -22.12 0.60 -27.84
C VAL C 180 -21.50 1.75 -28.64
N THR C 181 -20.48 2.35 -28.04
CA THR C 181 -19.76 3.48 -28.61
C THR C 181 -18.89 3.09 -29.80
N VAL C 182 -18.41 1.86 -29.84
CA VAL C 182 -17.59 1.43 -30.96
C VAL C 182 -18.47 1.53 -32.19
N SER C 183 -19.73 1.16 -32.01
CA SER C 183 -20.72 1.18 -33.07
C SER C 183 -21.24 2.58 -33.27
N CYS C 184 -21.57 3.20 -32.16
CA CYS C 184 -22.13 4.54 -32.15
C CYS C 184 -21.20 5.67 -32.63
N PHE C 185 -19.89 5.50 -32.44
CA PHE C 185 -18.92 6.51 -32.85
C PHE C 185 -18.02 6.16 -34.03
N PHE C 186 -17.89 4.87 -34.32
CA PHE C 186 -17.07 4.44 -35.47
C PHE C 186 -17.90 4.00 -36.66
N PHE C 187 -18.76 3.01 -36.45
CA PHE C 187 -19.57 2.49 -37.53
C PHE C 187 -20.61 3.47 -38.04
N ILE C 188 -21.34 4.11 -37.13
CA ILE C 188 -22.33 5.07 -37.59
C ILE C 188 -21.65 6.17 -38.39
N PRO C 189 -20.58 6.79 -37.84
CA PRO C 189 -19.91 7.85 -38.60
C PRO C 189 -19.09 7.28 -39.74
N ALA C 190 -18.61 6.04 -39.58
CA ALA C 190 -17.82 5.42 -40.64
C ALA C 190 -18.70 5.37 -41.88
N ALA C 191 -19.99 5.19 -41.63
CA ALA C 191 -20.95 5.14 -42.70
C ALA C 191 -21.28 6.56 -43.16
N VAL C 192 -21.57 7.44 -42.22
CA VAL C 192 -21.89 8.83 -42.54
C VAL C 192 -20.85 9.48 -43.45
N PHE C 193 -19.60 9.07 -43.28
CA PHE C 193 -18.52 9.61 -44.07
C PHE C 193 -18.47 8.92 -45.41
N SER C 194 -18.78 7.63 -45.43
CA SER C 194 -18.78 6.85 -46.69
C SER C 194 -19.72 7.60 -47.62
N VAL C 195 -20.66 8.27 -46.98
CA VAL C 195 -21.69 9.10 -47.61
C VAL C 195 -21.09 10.43 -48.01
N LEU C 196 -20.91 11.30 -47.02
CA LEU C 196 -20.37 12.63 -47.22
C LEU C 196 -19.12 12.70 -48.11
N GLU C 197 -18.13 11.84 -47.85
CA GLU C 197 -16.90 11.81 -48.64
C GLU C 197 -17.02 10.78 -49.75
N ASP C 198 -16.92 11.28 -50.98
CA ASP C 198 -17.03 10.45 -52.18
C ASP C 198 -16.08 9.27 -52.19
N ASP C 199 -14.84 9.58 -52.57
CA ASP C 199 -13.74 8.65 -52.72
C ASP C 199 -13.46 7.73 -51.53
N TRP C 200 -14.13 8.00 -50.41
CA TRP C 200 -13.97 7.18 -49.21
C TRP C 200 -14.97 6.04 -49.17
N ASN C 201 -14.46 4.82 -49.07
CA ASN C 201 -15.33 3.66 -48.97
C ASN C 201 -15.54 3.50 -47.48
N PHE C 202 -16.13 2.39 -47.05
CA PHE C 202 -16.34 2.22 -45.62
C PHE C 202 -15.03 2.08 -44.86
N LEU C 203 -14.23 1.07 -45.23
CA LEU C 203 -12.95 0.87 -44.56
C LEU C 203 -12.22 2.22 -44.42
N GLU C 204 -12.09 2.97 -45.51
CA GLU C 204 -11.41 4.24 -45.43
C GLU C 204 -12.09 5.15 -44.42
N SER C 205 -13.41 5.25 -44.47
CA SER C 205 -14.12 6.10 -43.52
C SER C 205 -13.90 5.63 -42.11
N PHE C 206 -14.01 4.32 -41.91
CA PHE C 206 -13.81 3.73 -40.59
C PHE C 206 -12.37 3.94 -40.14
N TYR C 207 -11.44 3.61 -41.03
CA TYR C 207 -10.01 3.76 -40.79
C TYR C 207 -9.70 5.19 -40.33
N PHE C 208 -10.33 6.15 -40.98
CA PHE C 208 -10.15 7.55 -40.65
C PHE C 208 -10.59 7.83 -39.20
N CYS C 209 -11.74 7.29 -38.84
CA CYS C 209 -12.28 7.49 -37.51
C CYS C 209 -11.36 6.92 -36.45
N PHE C 210 -10.80 5.75 -36.74
CA PHE C 210 -9.91 5.16 -35.77
C PHE C 210 -8.71 6.09 -35.51
N ILE C 211 -7.93 6.38 -36.55
CA ILE C 211 -6.74 7.22 -36.36
C ILE C 211 -7.07 8.65 -35.92
N SER C 212 -8.34 9.04 -36.00
CA SER C 212 -8.76 10.38 -35.58
C SER C 212 -9.07 10.39 -34.09
N LEU C 213 -9.90 9.45 -33.67
CA LEU C 213 -10.29 9.38 -32.29
C LEU C 213 -9.16 8.84 -31.41
N SER C 214 -8.14 8.30 -32.05
CA SER C 214 -7.00 7.78 -31.30
C SER C 214 -6.01 8.91 -31.10
N THR C 215 -6.25 9.98 -31.85
CA THR C 215 -5.45 11.21 -31.94
C THR C 215 -4.15 10.91 -32.66
N ILE C 216 -4.11 9.88 -33.49
CA ILE C 216 -2.87 9.61 -34.22
C ILE C 216 -2.79 10.64 -35.34
N GLY C 217 -3.88 10.79 -36.07
CA GLY C 217 -3.94 11.79 -37.14
C GLY C 217 -2.93 11.77 -38.26
N LEU C 218 -2.74 10.62 -38.89
CA LEU C 218 -1.81 10.55 -40.00
C LEU C 218 -2.14 11.63 -41.03
N GLY C 219 -3.43 11.87 -41.28
CA GLY C 219 -3.80 12.89 -42.24
C GLY C 219 -3.88 12.41 -43.68
N ASP C 220 -3.79 11.09 -43.91
CA ASP C 220 -3.88 10.63 -45.29
C ASP C 220 -5.34 10.94 -45.73
N TYR C 221 -6.25 10.89 -44.78
CA TYR C 221 -7.66 11.19 -45.04
C TYR C 221 -8.13 12.27 -44.07
N VAL C 222 -8.78 13.29 -44.62
CA VAL C 222 -9.35 14.38 -43.83
C VAL C 222 -10.68 14.70 -44.48
N PRO C 223 -11.75 14.73 -43.69
CA PRO C 223 -13.04 15.04 -44.28
C PRO C 223 -13.24 16.52 -44.60
N GLY C 224 -14.09 16.76 -45.59
CA GLY C 224 -14.41 18.11 -46.00
C GLY C 224 -13.33 18.73 -46.84
N GLU C 225 -12.82 17.96 -47.80
CA GLU C 225 -11.79 18.49 -48.64
C GLU C 225 -11.94 17.97 -50.05
N GLY C 226 -13.17 18.01 -50.57
CA GLY C 226 -13.41 17.52 -51.92
C GLY C 226 -13.71 18.62 -52.93
N TYR C 227 -13.22 18.48 -54.16
CA TYR C 227 -13.46 19.49 -55.19
C TYR C 227 -14.96 19.79 -55.27
N ASN C 228 -15.34 21.01 -54.91
CA ASN C 228 -16.74 21.44 -54.93
C ASN C 228 -17.61 20.86 -53.80
N GLN C 229 -17.28 21.20 -52.56
CA GLN C 229 -18.03 20.72 -51.38
C GLN C 229 -18.95 21.83 -50.89
N LYS C 230 -20.25 21.57 -50.90
CA LYS C 230 -21.25 22.56 -50.48
C LYS C 230 -21.62 22.57 -49.00
N PHE C 231 -21.70 23.77 -48.43
CA PHE C 231 -22.02 23.93 -47.02
C PHE C 231 -20.82 23.45 -46.20
N ARG C 232 -19.65 23.45 -46.83
CA ARG C 232 -18.40 23.00 -46.22
C ARG C 232 -18.10 23.65 -44.87
N GLU C 233 -18.42 24.93 -44.76
CA GLU C 233 -18.16 25.68 -43.53
C GLU C 233 -18.64 24.91 -42.31
N LEU C 234 -19.86 24.38 -42.41
CA LEU C 234 -20.48 23.61 -41.34
C LEU C 234 -19.82 22.25 -41.17
N TYR C 235 -19.71 21.54 -42.28
CA TYR C 235 -19.11 20.22 -42.27
C TYR C 235 -17.87 20.26 -41.38
N LYS C 236 -17.12 21.36 -41.46
CA LYS C 236 -15.94 21.54 -40.65
C LYS C 236 -16.36 21.56 -39.18
N ILE C 237 -17.26 22.49 -38.85
CA ILE C 237 -17.75 22.66 -37.49
C ILE C 237 -18.39 21.38 -36.98
N GLY C 238 -18.94 20.59 -37.89
CA GLY C 238 -19.56 19.34 -37.49
C GLY C 238 -18.47 18.36 -37.12
N ILE C 239 -17.47 18.25 -37.98
CA ILE C 239 -16.36 17.36 -37.75
C ILE C 239 -15.70 17.71 -36.42
N THR C 240 -15.34 18.98 -36.27
CA THR C 240 -14.69 19.46 -35.07
C THR C 240 -15.38 18.90 -33.84
N CYS C 241 -16.70 18.76 -33.95
CA CYS C 241 -17.48 18.24 -32.86
C CYS C 241 -17.47 16.75 -32.83
N TYR C 242 -17.53 16.13 -34.01
CA TYR C 242 -17.50 14.68 -34.03
C TYR C 242 -16.24 14.23 -33.31
N LEU C 243 -15.12 14.80 -33.74
CA LEU C 243 -13.84 14.45 -33.17
C LEU C 243 -13.82 14.74 -31.67
N LEU C 244 -14.22 15.96 -31.30
CA LEU C 244 -14.20 16.32 -29.90
C LEU C 244 -14.98 15.36 -28.98
N LEU C 245 -16.23 15.08 -29.35
CA LEU C 245 -17.10 14.18 -28.58
C LEU C 245 -16.59 12.76 -28.57
N GLY C 246 -16.20 12.27 -29.75
CA GLY C 246 -15.69 10.92 -29.89
C GLY C 246 -14.49 10.64 -29.00
N LEU C 247 -13.71 11.69 -28.74
CA LEU C 247 -12.55 11.58 -27.87
C LEU C 247 -13.06 11.40 -26.45
N ILE C 248 -13.96 12.27 -26.05
CA ILE C 248 -14.56 12.19 -24.72
C ILE C 248 -15.08 10.77 -24.54
N ALA C 249 -15.82 10.31 -25.54
CA ALA C 249 -16.39 8.97 -25.52
C ALA C 249 -15.33 7.92 -25.31
N MET C 250 -14.24 8.04 -26.04
CA MET C 250 -13.18 7.07 -25.86
C MET C 250 -12.70 7.08 -24.42
N LEU C 251 -12.30 8.25 -23.95
CA LEU C 251 -11.78 8.40 -22.60
C LEU C 251 -12.77 7.86 -21.58
N VAL C 252 -14.05 8.13 -21.80
CA VAL C 252 -15.09 7.63 -20.91
C VAL C 252 -14.99 6.11 -20.85
N VAL C 253 -14.92 5.49 -22.02
CA VAL C 253 -14.79 4.03 -22.15
C VAL C 253 -13.47 3.53 -21.59
N LEU C 254 -12.45 4.38 -21.69
CA LEU C 254 -11.16 4.00 -21.20
C LEU C 254 -11.18 3.97 -19.69
N GLU C 255 -11.75 5.00 -19.06
CA GLU C 255 -11.81 5.05 -17.59
C GLU C 255 -12.59 3.82 -17.12
N THR C 256 -13.75 3.60 -17.75
CA THR C 256 -14.62 2.51 -17.39
C THR C 256 -13.88 1.18 -17.47
N PHE C 257 -12.90 1.08 -18.34
CA PHE C 257 -12.13 -0.13 -18.44
C PHE C 257 -10.94 -0.14 -17.51
N CYS C 258 -10.27 1.02 -17.38
CA CYS C 258 -9.10 1.16 -16.53
C CYS C 258 -9.45 1.00 -15.05
N GLU C 259 -10.75 1.03 -14.76
CA GLU C 259 -11.24 0.90 -13.38
C GLU C 259 -11.93 -0.41 -13.03
N LEU C 260 -11.61 -1.49 -13.73
CA LEU C 260 -12.20 -2.79 -13.43
C LEU C 260 -11.17 -3.43 -12.51
N HIS C 261 -11.61 -4.20 -11.53
CA HIS C 261 -10.65 -4.80 -10.60
C HIS C 261 -9.47 -5.44 -11.30
N GLU C 262 -9.74 -6.43 -12.14
CA GLU C 262 -8.68 -7.13 -12.84
C GLU C 262 -7.62 -6.24 -13.49
N LEU C 263 -8.02 -5.06 -13.96
CA LEU C 263 -7.07 -4.15 -14.59
C LEU C 263 -6.21 -3.45 -13.55
N LYS C 264 -6.83 -2.82 -12.55
CA LYS C 264 -6.08 -2.14 -11.50
C LYS C 264 -5.07 -3.12 -10.93
N LYS C 265 -5.42 -4.40 -11.03
CA LYS C 265 -4.58 -5.50 -10.56
C LYS C 265 -3.38 -5.64 -11.51
N PHE C 266 -3.68 -5.84 -12.79
CA PHE C 266 -2.65 -6.00 -13.79
C PHE C 266 -1.73 -4.77 -13.84
N ARG C 267 -2.32 -3.59 -13.76
CA ARG C 267 -1.55 -2.35 -13.80
C ARG C 267 -0.60 -2.29 -12.63
N LYS C 268 -1.19 -2.33 -11.43
CA LYS C 268 -0.46 -2.23 -10.17
C LYS C 268 0.73 -3.17 -10.15
N MET C 269 0.61 -4.24 -10.92
CA MET C 269 1.65 -5.26 -11.02
C MET C 269 3.02 -4.76 -11.47
N PHE C 270 3.12 -3.50 -11.89
CA PHE C 270 4.40 -3.02 -12.38
C PHE C 270 5.12 -1.87 -11.67
N TYR C 271 4.52 -1.26 -10.65
CA TYR C 271 5.16 -0.12 -9.96
C TYR C 271 6.15 -0.48 -8.85
N ASN D 8 10.74 -8.90 -7.14
CA ASN D 8 9.97 -9.56 -8.24
C ASN D 8 9.28 -8.53 -9.10
N SER D 9 9.00 -7.37 -8.52
CA SER D 9 8.34 -6.27 -9.22
C SER D 9 9.27 -5.69 -10.28
N ALA D 10 10.57 -5.93 -10.11
CA ALA D 10 11.59 -5.45 -11.04
C ALA D 10 11.59 -6.24 -12.34
N THR D 11 11.18 -7.49 -12.26
CA THR D 11 11.14 -8.32 -13.47
C THR D 11 9.83 -8.11 -14.21
N MET D 12 8.86 -7.51 -13.54
CA MET D 12 7.57 -7.21 -14.17
C MET D 12 7.71 -5.99 -15.10
N PHE D 13 8.26 -4.91 -14.55
CA PHE D 13 8.49 -3.69 -15.32
C PHE D 13 9.59 -3.97 -16.34
N GLY D 14 10.58 -4.77 -15.96
CA GLY D 14 11.68 -5.10 -16.85
C GLY D 14 11.22 -5.86 -18.07
N PHE D 15 10.16 -6.66 -17.92
CA PHE D 15 9.60 -7.44 -19.02
C PHE D 15 8.68 -6.58 -19.88
N LEU D 16 7.98 -5.68 -19.21
CA LEU D 16 7.08 -4.76 -19.88
C LEU D 16 7.91 -3.96 -20.88
N VAL D 17 9.00 -3.38 -20.38
CA VAL D 17 9.93 -2.59 -21.19
C VAL D 17 10.48 -3.40 -22.35
N LEU D 18 10.73 -4.67 -22.09
CA LEU D 18 11.25 -5.54 -23.13
C LEU D 18 10.16 -5.81 -24.19
N GLY D 19 9.04 -6.36 -23.73
CA GLY D 19 7.95 -6.71 -24.63
C GLY D 19 7.46 -5.56 -25.49
N TYR D 20 7.48 -4.36 -24.93
CA TYR D 20 7.04 -3.20 -25.67
C TYR D 20 8.00 -3.07 -26.86
N LEU D 21 9.29 -2.96 -26.56
CA LEU D 21 10.31 -2.80 -27.59
C LEU D 21 10.17 -3.83 -28.70
N LEU D 22 9.79 -5.03 -28.31
CA LEU D 22 9.62 -6.10 -29.27
C LEU D 22 8.35 -5.83 -30.09
N TYR D 23 7.29 -5.43 -29.41
CA TYR D 23 6.05 -5.15 -30.10
C TYR D 23 6.35 -4.15 -31.21
N LEU D 24 7.26 -3.21 -30.93
CA LEU D 24 7.67 -2.18 -31.89
C LEU D 24 8.43 -2.75 -33.06
N VAL D 25 9.28 -3.74 -32.78
CA VAL D 25 10.07 -4.38 -33.83
C VAL D 25 9.18 -5.32 -34.60
N PHE D 26 8.26 -5.94 -33.88
CA PHE D 26 7.31 -6.86 -34.48
C PHE D 26 6.54 -6.11 -35.55
N GLY D 27 5.88 -5.03 -35.14
CA GLY D 27 5.11 -4.24 -36.07
C GLY D 27 5.99 -3.66 -37.16
N ALA D 28 7.18 -3.19 -36.77
CA ALA D 28 8.14 -2.58 -37.72
C ALA D 28 8.46 -3.54 -38.86
N VAL D 29 8.33 -4.83 -38.57
CA VAL D 29 8.59 -5.87 -39.54
C VAL D 29 7.36 -6.20 -40.38
N VAL D 30 6.24 -6.41 -39.71
CA VAL D 30 4.98 -6.70 -40.37
C VAL D 30 4.62 -5.60 -41.38
N PHE D 31 4.84 -4.36 -40.96
CA PHE D 31 4.56 -3.18 -41.81
C PHE D 31 5.57 -3.14 -42.95
N SER D 32 6.82 -3.35 -42.59
CA SER D 32 7.94 -3.33 -43.52
C SER D 32 7.60 -4.17 -44.74
N SER D 33 7.26 -5.43 -44.48
CA SER D 33 6.93 -6.37 -45.53
C SER D 33 5.63 -6.09 -46.28
N VAL D 34 4.50 -5.98 -45.59
CA VAL D 34 3.26 -5.76 -46.33
C VAL D 34 3.18 -4.47 -47.12
N GLU D 35 3.66 -3.39 -46.52
CA GLU D 35 3.57 -2.11 -47.22
C GLU D 35 4.69 -1.77 -48.18
N LEU D 36 5.85 -2.41 -48.02
CA LEU D 36 6.99 -2.13 -48.89
C LEU D 36 6.74 -2.43 -50.39
N PRO D 37 6.17 -3.62 -50.69
CA PRO D 37 5.88 -4.05 -52.06
C PRO D 37 5.02 -3.07 -52.85
N TYR D 38 3.96 -2.55 -52.22
CA TYR D 38 3.08 -1.61 -52.89
C TYR D 38 3.83 -0.33 -53.21
N GLU D 39 4.90 -0.10 -52.45
CA GLU D 39 5.70 1.07 -52.67
C GLU D 39 6.56 0.92 -53.94
N ASP D 40 7.25 -0.23 -54.07
CA ASP D 40 8.12 -0.50 -55.23
C ASP D 40 7.33 -0.37 -56.49
N LEU D 41 6.13 -0.94 -56.45
CA LEU D 41 5.21 -0.92 -57.59
C LEU D 41 4.71 0.50 -57.83
N LEU D 42 4.55 1.28 -56.76
CA LEU D 42 4.10 2.66 -56.90
C LEU D 42 5.25 3.53 -57.36
N ARG D 43 6.45 3.20 -56.94
CA ARG D 43 7.62 3.94 -57.35
C ARG D 43 7.71 3.82 -58.88
N GLN D 44 7.39 2.63 -59.39
CA GLN D 44 7.42 2.38 -60.83
C GLN D 44 6.32 3.13 -61.56
N GLU D 45 5.07 2.94 -61.16
CA GLU D 45 3.98 3.63 -61.84
C GLU D 45 4.27 5.14 -61.93
N LEU D 46 5.10 5.67 -61.02
CA LEU D 46 5.44 7.09 -61.07
C LEU D 46 6.62 7.36 -61.97
N ARG D 47 7.69 6.57 -61.82
CA ARG D 47 8.87 6.75 -62.66
C ARG D 47 8.47 6.54 -64.13
N LYS D 48 7.50 5.65 -64.33
CA LYS D 48 6.98 5.31 -65.66
C LYS D 48 6.10 6.46 -66.15
N LEU D 49 5.23 7.00 -65.30
CA LEU D 49 4.37 8.11 -65.70
C LEU D 49 5.17 9.41 -65.79
N LYS D 50 6.36 9.41 -65.18
CA LYS D 50 7.21 10.60 -65.22
C LYS D 50 7.85 10.68 -66.61
N ARG D 51 8.50 9.58 -67.01
CA ARG D 51 9.17 9.49 -68.30
C ARG D 51 8.19 9.79 -69.43
N ARG D 52 7.07 9.06 -69.41
CA ARG D 52 6.03 9.18 -70.41
C ARG D 52 5.42 10.57 -70.51
N PHE D 53 5.40 11.34 -69.42
CA PHE D 53 4.81 12.67 -69.52
C PHE D 53 5.67 13.63 -70.30
N LEU D 54 6.94 13.72 -69.94
CA LEU D 54 7.84 14.63 -70.64
C LEU D 54 8.02 14.19 -72.11
N GLU D 55 8.50 12.96 -72.26
CA GLU D 55 8.75 12.38 -73.57
C GLU D 55 7.47 12.19 -74.37
N GLU D 56 6.35 12.00 -73.68
CA GLU D 56 5.08 11.77 -74.35
C GLU D 56 4.44 13.01 -74.98
N HIS D 57 4.44 14.12 -74.27
CA HIS D 57 3.82 15.31 -74.81
C HIS D 57 4.54 16.53 -74.30
N GLU D 58 5.69 16.79 -74.92
CA GLU D 58 6.50 17.94 -74.58
C GLU D 58 5.63 19.16 -74.24
N CYS D 59 5.03 19.80 -75.26
CA CYS D 59 4.25 21.02 -75.02
C CYS D 59 2.75 20.93 -74.68
N LEU D 60 2.37 19.91 -73.91
CA LEU D 60 0.98 19.66 -73.47
C LEU D 60 0.27 20.88 -72.87
N SER D 61 -1.05 20.94 -73.04
CA SER D 61 -1.89 22.06 -72.57
C SER D 61 -2.36 22.05 -71.11
N GLU D 62 -3.21 23.02 -70.75
CA GLU D 62 -3.73 23.16 -69.39
C GLU D 62 -4.39 21.86 -68.93
N GLN D 63 -5.10 21.19 -69.85
CA GLN D 63 -5.78 19.94 -69.54
C GLN D 63 -4.82 18.75 -69.38
N GLN D 64 -3.66 18.83 -70.04
CA GLN D 64 -2.65 17.76 -69.98
C GLN D 64 -1.75 17.83 -68.74
N LEU D 65 -1.63 19.02 -68.14
CA LEU D 65 -0.79 19.22 -66.95
C LEU D 65 -1.55 18.82 -65.68
N GLU D 66 -2.79 19.27 -65.57
CA GLU D 66 -3.64 18.96 -64.41
C GLU D 66 -3.75 17.44 -64.24
N GLN D 67 -3.64 16.71 -65.35
CA GLN D 67 -3.74 15.25 -65.32
C GLN D 67 -2.43 14.59 -64.83
N PHE D 68 -1.29 15.23 -65.08
CA PHE D 68 -0.02 14.67 -64.61
C PHE D 68 0.15 15.07 -63.16
N LEU D 69 -0.01 16.35 -62.89
CA LEU D 69 0.11 16.86 -61.53
C LEU D 69 -0.85 16.15 -60.58
N GLY D 70 -2.04 15.87 -61.06
CA GLY D 70 -2.98 15.15 -60.22
C GLY D 70 -2.31 13.87 -59.74
N ARG D 71 -1.95 12.97 -60.67
CA ARG D 71 -1.30 11.69 -60.30
C ARG D 71 -0.01 11.87 -59.49
N VAL D 72 0.64 13.03 -59.60
CA VAL D 72 1.88 13.25 -58.85
C VAL D 72 1.55 13.60 -57.41
N LEU D 73 0.63 14.54 -57.24
CA LEU D 73 0.22 14.97 -55.90
C LEU D 73 -0.43 13.81 -55.15
N GLU D 74 -1.27 13.03 -55.83
CA GLU D 74 -1.92 11.88 -55.20
C GLU D 74 -0.83 10.95 -54.59
N ALA D 75 0.29 10.80 -55.29
CA ALA D 75 1.40 9.94 -54.83
C ALA D 75 2.08 10.57 -53.62
N SER D 76 2.15 11.89 -53.64
CA SER D 76 2.76 12.67 -52.57
C SER D 76 2.01 12.44 -51.25
N ASN D 77 0.68 12.59 -51.30
CA ASN D 77 -0.15 12.41 -50.12
C ASN D 77 0.04 11.05 -49.52
N TYR D 78 0.56 10.10 -50.30
CA TYR D 78 0.75 8.76 -49.79
C TYR D 78 2.18 8.43 -49.42
N GLY D 79 3.03 9.44 -49.40
CA GLY D 79 4.42 9.27 -49.01
C GLY D 79 5.42 9.03 -50.10
N VAL D 80 4.94 8.85 -51.32
CA VAL D 80 5.82 8.61 -52.45
C VAL D 80 5.87 9.83 -53.34
N SER D 81 7.07 10.39 -53.48
CA SER D 81 7.26 11.59 -54.28
C SER D 81 7.80 11.20 -55.64
N VAL D 82 7.39 11.95 -56.65
CA VAL D 82 7.85 11.69 -58.00
C VAL D 82 9.35 11.97 -58.09
N LEU D 83 9.78 13.11 -57.55
CA LEU D 83 11.18 13.51 -57.60
C LEU D 83 12.16 12.51 -56.96
N TRP D 90 13.33 5.96 -49.07
CA TRP D 90 12.40 4.83 -48.96
C TRP D 90 11.60 4.87 -47.65
N ASN D 91 10.28 4.68 -47.75
CA ASN D 91 9.35 4.77 -46.62
C ASN D 91 9.17 3.57 -45.73
N TRP D 92 9.16 2.39 -46.34
CA TRP D 92 8.90 1.21 -45.53
C TRP D 92 10.00 0.23 -45.23
N ASP D 93 11.26 0.67 -45.20
CA ASP D 93 12.31 -0.25 -44.82
C ASP D 93 12.03 -0.54 -43.35
N PHE D 94 12.87 -1.29 -42.67
CA PHE D 94 12.54 -1.57 -41.29
C PHE D 94 13.04 -0.49 -40.36
N THR D 95 14.10 0.20 -40.74
CA THR D 95 14.57 1.25 -39.85
C THR D 95 13.54 2.38 -39.83
N SER D 96 12.85 2.57 -40.95
CA SER D 96 11.84 3.62 -41.06
C SER D 96 10.46 3.09 -40.69
N ALA D 97 10.25 1.80 -40.86
CA ALA D 97 8.97 1.18 -40.52
C ALA D 97 8.89 1.08 -39.02
N LEU D 98 10.05 1.04 -38.38
CA LEU D 98 10.09 0.99 -36.93
C LEU D 98 9.72 2.40 -36.44
N PHE D 99 10.18 3.39 -37.20
CA PHE D 99 9.91 4.80 -36.92
C PHE D 99 8.41 5.01 -36.96
N PHE D 100 7.77 4.43 -37.97
CA PHE D 100 6.34 4.55 -38.11
C PHE D 100 5.60 3.86 -36.96
N ALA D 101 5.90 2.58 -36.73
CA ALA D 101 5.22 1.86 -35.68
C ALA D 101 5.25 2.57 -34.33
N SER D 102 6.38 3.20 -34.01
CA SER D 102 6.48 3.89 -32.73
C SER D 102 5.67 5.18 -32.69
N THR D 103 5.74 5.97 -33.75
CA THR D 103 5.00 7.24 -33.83
C THR D 103 3.51 7.00 -33.94
N VAL D 104 3.13 5.78 -34.27
CA VAL D 104 1.71 5.47 -34.38
C VAL D 104 1.17 5.08 -33.00
N LEU D 105 2.01 4.47 -32.17
CA LEU D 105 1.57 4.07 -30.84
C LEU D 105 1.75 5.17 -29.81
N SER D 106 2.64 6.13 -30.10
CA SER D 106 2.87 7.28 -29.21
C SER D 106 1.83 8.27 -29.70
N THR D 107 1.19 7.85 -30.79
CA THR D 107 0.16 8.59 -31.50
C THR D 107 0.59 9.94 -32.07
N THR D 108 1.80 10.05 -32.58
CA THR D 108 2.16 11.32 -33.18
C THR D 108 1.61 11.38 -34.61
N GLY D 109 1.88 10.36 -35.42
CA GLY D 109 1.40 10.26 -36.80
C GLY D 109 1.78 11.37 -37.77
N TYR D 110 3.04 11.50 -38.09
CA TYR D 110 3.44 12.54 -39.01
C TYR D 110 2.72 12.41 -40.34
N GLY D 111 2.64 11.19 -40.86
CA GLY D 111 1.96 10.99 -42.12
C GLY D 111 2.89 10.98 -43.31
N HIS D 112 4.17 11.28 -43.10
CA HIS D 112 5.12 11.27 -44.20
C HIS D 112 5.12 9.83 -44.70
N THR D 113 4.55 8.94 -43.90
CA THR D 113 4.46 7.55 -44.25
C THR D 113 3.13 7.06 -43.74
N VAL D 114 2.24 6.69 -44.65
CA VAL D 114 0.95 6.16 -44.25
C VAL D 114 0.84 4.81 -44.89
N PRO D 115 0.03 3.91 -44.32
CA PRO D 115 -0.08 2.59 -44.94
C PRO D 115 -0.80 2.78 -46.27
N LEU D 116 -0.38 2.00 -47.26
CA LEU D 116 -0.93 2.07 -48.60
C LEU D 116 -1.96 0.98 -48.92
N SER D 117 -1.65 -0.29 -48.63
CA SER D 117 -2.63 -1.32 -48.97
C SER D 117 -3.79 -1.23 -48.01
N ASP D 118 -4.63 -2.25 -47.99
CA ASP D 118 -5.76 -2.23 -47.08
C ASP D 118 -5.32 -3.03 -45.87
N GLY D 119 -4.39 -3.95 -46.12
CA GLY D 119 -3.84 -4.78 -45.07
C GLY D 119 -3.08 -3.88 -44.14
N GLY D 120 -2.23 -3.02 -44.72
CA GLY D 120 -1.47 -2.11 -43.91
C GLY D 120 -2.42 -1.27 -43.07
N LYS D 121 -3.39 -0.65 -43.74
CA LYS D 121 -4.37 0.19 -43.08
C LYS D 121 -5.09 -0.57 -41.97
N ALA D 122 -5.50 -1.80 -42.27
CA ALA D 122 -6.20 -2.60 -41.27
C ALA D 122 -5.27 -3.12 -40.17
N PHE D 123 -4.10 -3.63 -40.54
CA PHE D 123 -3.14 -4.14 -39.55
C PHE D 123 -2.79 -3.04 -38.57
N CYS D 124 -2.65 -1.85 -39.15
CA CYS D 124 -2.32 -0.65 -38.42
C CYS D 124 -3.37 -0.48 -37.31
N ILE D 125 -4.64 -0.54 -37.71
CA ILE D 125 -5.73 -0.37 -36.78
C ILE D 125 -5.68 -1.34 -35.61
N ILE D 126 -5.52 -2.62 -35.92
CA ILE D 126 -5.46 -3.66 -34.88
C ILE D 126 -4.19 -3.50 -34.06
N TYR D 127 -3.08 -3.33 -34.77
CA TYR D 127 -1.78 -3.17 -34.14
C TYR D 127 -1.86 -2.08 -33.10
N SER D 128 -2.64 -1.05 -33.41
CA SER D 128 -2.83 0.10 -32.53
C SER D 128 -3.78 -0.17 -31.38
N VAL D 129 -4.92 -0.81 -31.66
CA VAL D 129 -5.90 -1.08 -30.60
C VAL D 129 -5.19 -1.78 -29.46
N ILE D 130 -4.24 -2.64 -29.85
CA ILE D 130 -3.45 -3.40 -28.92
C ILE D 130 -2.24 -2.58 -28.40
N GLY D 131 -1.52 -1.96 -29.33
CA GLY D 131 -0.35 -1.17 -28.97
C GLY D 131 -0.55 0.12 -28.19
N ILE D 132 -1.52 0.93 -28.61
CA ILE D 132 -1.78 2.17 -27.92
C ILE D 132 -1.85 1.94 -26.41
N PRO D 133 -2.72 1.02 -25.97
CA PRO D 133 -2.89 0.69 -24.56
C PRO D 133 -1.58 0.22 -23.94
N PHE D 134 -1.04 -0.80 -24.59
CA PHE D 134 0.23 -1.43 -24.22
C PHE D 134 1.21 -0.28 -23.96
N THR D 135 1.16 0.72 -24.84
CA THR D 135 2.02 1.90 -24.78
C THR D 135 1.75 2.76 -23.56
N LEU D 136 0.50 2.81 -23.13
CA LEU D 136 0.17 3.60 -21.97
C LEU D 136 0.84 2.92 -20.81
N LEU D 137 0.48 1.66 -20.61
CA LEU D 137 1.02 0.84 -19.52
C LEU D 137 2.53 1.02 -19.45
N PHE D 138 3.17 0.85 -20.60
CA PHE D 138 4.60 0.99 -20.72
C PHE D 138 5.07 2.34 -20.15
N LEU D 139 4.43 3.40 -20.62
CA LEU D 139 4.76 4.74 -20.18
C LEU D 139 4.45 4.91 -18.70
N THR D 140 3.28 4.48 -18.30
CA THR D 140 2.87 4.62 -16.92
C THR D 140 3.94 4.12 -16.01
N ALA D 141 4.43 2.91 -16.29
CA ALA D 141 5.47 2.30 -15.47
C ALA D 141 6.75 3.13 -15.52
N VAL D 142 7.25 3.33 -16.74
CA VAL D 142 8.47 4.07 -16.95
C VAL D 142 8.41 5.45 -16.29
N VAL D 143 7.22 6.03 -16.22
CA VAL D 143 7.11 7.34 -15.61
C VAL D 143 6.95 7.23 -14.10
N GLN D 144 6.07 6.36 -13.63
CA GLN D 144 5.87 6.24 -12.18
C GLN D 144 7.21 6.10 -11.52
N ARG D 145 8.07 5.27 -12.12
CA ARG D 145 9.38 5.03 -11.57
C ARG D 145 10.25 6.26 -11.64
N ILE D 146 10.42 6.80 -12.84
CA ILE D 146 11.24 7.98 -13.00
C ILE D 146 10.71 9.13 -12.17
N THR D 147 9.39 9.24 -12.06
CA THR D 147 8.75 10.32 -11.30
C THR D 147 9.21 10.28 -9.88
N VAL D 148 9.20 9.09 -9.30
CA VAL D 148 9.60 8.92 -7.93
C VAL D 148 11.07 9.21 -7.68
N HIS D 149 11.96 8.69 -8.51
CA HIS D 149 13.40 8.94 -8.33
C HIS D 149 13.78 10.40 -8.59
N VAL D 150 12.97 11.11 -9.38
CA VAL D 150 13.21 12.53 -9.65
C VAL D 150 12.41 13.44 -8.70
N THR D 151 11.40 12.86 -8.05
CA THR D 151 10.53 13.57 -7.10
C THR D 151 10.37 12.81 -5.75
N ARG D 152 11.53 12.43 -5.23
CA ARG D 152 11.74 11.77 -3.96
C ARG D 152 12.69 12.73 -3.26
N ARG D 153 13.17 13.66 -4.07
CA ARG D 153 14.08 14.69 -3.64
C ARG D 153 13.37 15.90 -3.04
N PRO D 154 12.06 16.09 -3.32
CA PRO D 154 11.41 17.26 -2.73
C PRO D 154 11.28 16.98 -1.24
N VAL D 155 11.49 15.71 -0.90
CA VAL D 155 11.44 15.24 0.48
C VAL D 155 12.81 15.41 1.17
N LEU D 156 13.90 15.10 0.45
CA LEU D 156 15.27 15.26 0.99
C LEU D 156 15.43 16.73 1.36
N TYR D 157 14.48 17.52 0.92
CA TYR D 157 14.44 18.94 1.19
C TYR D 157 13.36 19.37 2.20
N PHE D 158 12.35 18.53 2.42
CA PHE D 158 11.27 18.87 3.35
C PHE D 158 11.86 19.45 4.63
N SER D 165 10.29 24.85 3.29
CA SER D 165 9.43 23.99 4.09
C SER D 165 9.06 22.67 3.38
N LYS D 166 7.81 22.49 2.99
CA LYS D 166 7.38 21.26 2.30
C LYS D 166 6.74 21.55 0.94
N GLN D 167 5.64 22.28 0.96
CA GLN D 167 4.93 22.62 -0.27
C GLN D 167 5.78 23.44 -1.21
N VAL D 168 6.57 24.33 -0.64
CA VAL D 168 7.42 25.18 -1.44
C VAL D 168 8.64 24.48 -2.01
N VAL D 169 8.99 23.32 -1.47
CA VAL D 169 10.12 22.60 -2.01
C VAL D 169 9.72 21.96 -3.33
N ALA D 170 8.42 21.72 -3.48
CA ALA D 170 7.87 21.12 -4.69
C ALA D 170 7.65 22.13 -5.81
N ILE D 171 7.12 23.30 -5.45
CA ILE D 171 6.86 24.34 -6.42
C ILE D 171 8.17 24.84 -7.02
N VAL D 172 9.25 24.60 -6.31
CA VAL D 172 10.57 24.99 -6.80
C VAL D 172 11.20 23.82 -7.52
N HIS D 173 10.90 22.60 -7.08
CA HIS D 173 11.43 21.40 -7.72
C HIS D 173 10.85 21.28 -9.09
N ALA D 174 9.57 21.62 -9.20
CA ALA D 174 8.84 21.56 -10.47
C ALA D 174 9.36 22.58 -11.49
N VAL D 175 9.26 23.85 -11.12
CA VAL D 175 9.70 24.93 -11.98
C VAL D 175 11.18 24.76 -12.36
N LEU D 176 11.96 24.14 -11.49
CA LEU D 176 13.37 23.92 -11.78
C LEU D 176 13.51 22.77 -12.77
N LEU D 177 12.76 21.70 -12.53
CA LEU D 177 12.79 20.53 -13.39
C LEU D 177 12.25 20.84 -14.77
N GLY D 178 11.36 21.82 -14.83
CA GLY D 178 10.82 22.19 -16.12
C GLY D 178 11.94 22.83 -16.93
N PHE D 179 12.53 23.87 -16.36
CA PHE D 179 13.62 24.57 -17.01
C PHE D 179 14.78 23.63 -17.40
N VAL D 180 14.85 22.46 -16.78
CA VAL D 180 15.91 21.49 -17.06
C VAL D 180 15.68 20.74 -18.38
N THR D 181 14.55 20.04 -18.42
CA THR D 181 14.14 19.23 -19.56
C THR D 181 13.71 20.07 -20.77
N VAL D 182 13.18 21.26 -20.51
CA VAL D 182 12.77 22.14 -21.61
C VAL D 182 14.00 22.41 -22.42
N SER D 183 15.10 22.62 -21.70
CA SER D 183 16.39 22.92 -22.28
C SER D 183 17.03 21.65 -22.79
N CYS D 184 17.00 20.64 -21.93
CA CYS D 184 17.61 19.37 -22.23
C CYS D 184 16.98 18.54 -23.35
N PHE D 185 15.67 18.72 -23.58
CA PHE D 185 14.97 17.98 -24.62
C PHE D 185 14.50 18.78 -25.82
N PHE D 186 14.38 20.10 -25.67
CA PHE D 186 13.98 20.96 -26.78
C PHE D 186 15.13 21.75 -27.38
N PHE D 187 15.80 22.56 -26.57
CA PHE D 187 16.90 23.38 -27.05
C PHE D 187 18.11 22.57 -27.48
N ILE D 188 18.52 21.61 -26.69
CA ILE D 188 19.68 20.81 -27.09
C ILE D 188 19.39 20.10 -28.40
N PRO D 189 18.23 19.41 -28.51
CA PRO D 189 17.93 18.72 -29.77
C PRO D 189 17.50 19.72 -30.85
N ALA D 190 16.92 20.85 -30.43
CA ALA D 190 16.49 21.86 -31.39
C ALA D 190 17.72 22.30 -32.15
N ALA D 191 18.85 22.30 -31.44
CA ALA D 191 20.10 22.67 -32.04
C ALA D 191 20.67 21.48 -32.83
N VAL D 192 20.67 20.30 -32.23
CA VAL D 192 21.18 19.11 -32.89
C VAL D 192 20.54 18.89 -34.27
N PHE D 193 19.28 19.29 -34.39
CA PHE D 193 18.57 19.14 -35.64
C PHE D 193 18.93 20.27 -36.58
N SER D 194 19.14 21.47 -36.03
CA SER D 194 19.51 22.64 -36.85
C SER D 194 20.76 22.21 -37.61
N VAL D 195 21.46 21.29 -36.97
CA VAL D 195 22.69 20.69 -37.47
C VAL D 195 22.35 19.63 -38.49
N LEU D 196 21.91 18.48 -38.00
CA LEU D 196 21.54 17.35 -38.84
C LEU D 196 20.67 17.68 -40.06
N GLU D 197 19.60 18.44 -39.86
CA GLU D 197 18.70 18.84 -40.95
C GLU D 197 19.12 20.19 -41.52
N ASP D 198 19.47 20.18 -42.80
CA ASP D 198 19.93 21.37 -43.51
C ASP D 198 18.97 22.53 -43.41
N ASP D 199 17.97 22.46 -44.27
CA ASP D 199 16.91 23.44 -44.43
C ASP D 199 16.20 23.89 -43.16
N TRP D 200 16.47 23.20 -42.06
CA TRP D 200 15.86 23.54 -40.78
C TRP D 200 16.71 24.54 -40.01
N ASN D 201 16.11 25.66 -39.64
CA ASN D 201 16.82 26.65 -38.85
C ASN D 201 16.51 26.25 -37.41
N PHE D 202 16.84 27.08 -36.45
CA PHE D 202 16.55 26.72 -35.08
C PHE D 202 15.07 26.68 -34.82
N LEU D 203 14.36 27.79 -35.04
CA LEU D 203 12.93 27.81 -34.80
C LEU D 203 12.28 26.56 -35.40
N GLU D 204 12.60 26.25 -36.65
CA GLU D 204 12.00 25.08 -37.28
C GLU D 204 12.35 23.83 -36.50
N SER D 205 13.63 23.65 -36.15
CA SER D 205 14.01 22.47 -35.39
C SER D 205 13.29 22.43 -34.05
N PHE D 206 13.26 23.57 -33.37
CA PHE D 206 12.59 23.68 -32.08
C PHE D 206 11.10 23.41 -32.25
N TYR D 207 10.50 24.10 -33.22
CA TYR D 207 9.08 23.96 -33.54
C TYR D 207 8.74 22.50 -33.76
N PHE D 208 9.62 21.79 -34.45
CA PHE D 208 9.42 20.38 -34.71
C PHE D 208 9.37 19.57 -33.42
N CYS D 209 10.30 19.86 -32.53
CA CYS D 209 10.35 19.17 -31.26
C CYS D 209 9.09 19.39 -30.44
N PHE D 210 8.59 20.61 -30.45
CA PHE D 210 7.40 20.85 -29.70
C PHE D 210 6.26 19.99 -30.22
N ILE D 211 5.89 20.14 -31.49
CA ILE D 211 4.76 19.36 -32.03
C ILE D 211 5.01 17.86 -32.04
N SER D 212 6.25 17.44 -31.82
CA SER D 212 6.58 16.02 -31.80
C SER D 212 6.38 15.44 -30.39
N LEU D 213 6.95 16.12 -29.41
CA LEU D 213 6.85 15.66 -28.05
C LEU D 213 5.48 15.94 -27.48
N SER D 214 4.67 16.71 -28.21
CA SER D 214 3.34 17.01 -27.72
C SER D 214 2.41 15.95 -28.29
N THR D 215 2.95 15.19 -29.24
CA THR D 215 2.31 14.14 -30.04
C THR D 215 1.29 14.75 -30.99
N ILE D 216 1.47 16.02 -31.36
CA ILE D 216 0.53 16.62 -32.31
C ILE D 216 0.92 16.07 -33.68
N GLY D 217 2.20 16.12 -34.01
CA GLY D 217 2.67 15.57 -35.27
C GLY D 217 2.10 16.06 -36.58
N LEU D 218 2.06 17.37 -36.78
CA LEU D 218 1.56 17.88 -38.03
C LEU D 218 2.29 17.22 -39.21
N GLY D 219 3.59 17.01 -39.07
CA GLY D 219 4.33 16.39 -40.15
C GLY D 219 4.85 17.34 -41.20
N ASP D 220 4.76 18.65 -40.98
CA ASP D 220 5.29 19.56 -41.97
C ASP D 220 6.80 19.35 -41.99
N TYR D 221 7.35 19.00 -40.82
CA TYR D 221 8.77 18.71 -40.69
C TYR D 221 8.97 17.34 -40.07
N VAL D 222 9.83 16.55 -40.70
CA VAL D 222 10.18 15.21 -40.23
C VAL D 222 11.67 15.07 -40.46
N PRO D 223 12.41 14.68 -39.42
CA PRO D 223 13.84 14.52 -39.60
C PRO D 223 14.23 13.25 -40.35
N GLY D 224 15.38 13.32 -41.00
CA GLY D 224 15.89 12.18 -41.73
C GLY D 224 15.20 11.98 -43.05
N GLU D 225 14.99 13.06 -43.79
CA GLU D 225 14.33 12.95 -45.07
C GLU D 225 14.91 13.94 -46.06
N GLY D 226 16.24 14.00 -46.12
CA GLY D 226 16.90 14.93 -47.04
C GLY D 226 17.60 14.24 -48.20
N TYR D 227 17.54 14.84 -49.39
CA TYR D 227 18.18 14.26 -50.56
C TYR D 227 19.64 13.91 -50.23
N ASN D 228 19.95 12.62 -50.23
CA ASN D 228 21.30 12.12 -49.94
C ASN D 228 21.70 12.21 -48.46
N GLN D 229 20.99 11.48 -47.60
CA GLN D 229 21.26 11.45 -46.16
C GLN D 229 22.03 10.18 -45.81
N LYS D 230 23.25 10.35 -45.29
CA LYS D 230 24.12 9.21 -44.95
C LYS D 230 23.95 8.64 -43.54
N PHE D 231 23.92 7.32 -43.45
CA PHE D 231 23.76 6.64 -42.17
C PHE D 231 22.33 6.88 -41.69
N ARG D 232 21.45 7.17 -42.63
CA ARG D 232 20.04 7.45 -42.35
C ARG D 232 19.34 6.39 -41.51
N GLU D 233 19.68 5.13 -41.76
CA GLU D 233 19.08 4.00 -41.05
C GLU D 233 19.08 4.24 -39.55
N LEU D 234 20.22 4.70 -39.04
CA LEU D 234 20.39 4.99 -37.62
C LEU D 234 19.63 6.24 -37.22
N TYR D 235 19.85 7.32 -37.96
CA TYR D 235 19.20 8.59 -37.67
C TYR D 235 17.74 8.31 -37.33
N LYS D 236 17.14 7.36 -38.04
CA LYS D 236 15.75 6.97 -37.80
C LYS D 236 15.66 6.40 -36.40
N ILE D 237 16.46 5.36 -36.14
CA ILE D 237 16.48 4.68 -34.85
C ILE D 237 16.83 5.65 -33.72
N GLY D 238 17.61 6.69 -34.05
CA GLY D 238 17.97 7.68 -33.06
C GLY D 238 16.75 8.52 -32.74
N ILE D 239 16.10 9.00 -33.79
CA ILE D 239 14.90 9.81 -33.64
C ILE D 239 13.86 9.05 -32.83
N THR D 240 13.56 7.84 -33.28
CA THR D 240 12.57 7.00 -32.63
C THR D 240 12.78 7.03 -31.12
N CYS D 241 14.04 7.11 -30.72
CA CYS D 241 14.39 7.15 -29.31
C CYS D 241 14.26 8.54 -28.76
N TYR D 242 14.66 9.53 -29.53
CA TYR D 242 14.55 10.89 -29.06
C TYR D 242 13.10 11.13 -28.69
N LEU D 243 12.23 10.84 -29.65
CA LEU D 243 10.82 11.02 -29.44
C LEU D 243 10.32 10.21 -28.25
N LEU D 244 10.66 8.93 -28.23
CA LEU D 244 10.19 8.09 -27.14
C LEU D 244 10.56 8.61 -25.75
N LEU D 245 11.84 8.93 -25.55
CA LEU D 245 12.33 9.43 -24.27
C LEU D 245 11.74 10.77 -23.91
N GLY D 246 11.73 11.67 -24.91
CA GLY D 246 11.20 13.01 -24.72
C GLY D 246 9.76 13.02 -24.24
N LEU D 247 9.02 12.00 -24.64
CA LEU D 247 7.63 11.87 -24.25
C LEU D 247 7.62 11.50 -22.77
N ILE D 248 8.40 10.50 -22.43
CA ILE D 248 8.50 10.06 -21.05
C ILE D 248 8.85 11.28 -20.20
N ALA D 249 9.86 12.03 -20.66
CA ALA D 249 10.30 13.22 -19.96
C ALA D 249 9.16 14.20 -19.75
N MET D 250 8.38 14.42 -20.79
CA MET D 250 7.27 15.33 -20.64
C MET D 250 6.33 14.83 -19.55
N LEU D 251 5.88 13.60 -19.71
CA LEU D 251 4.95 13.03 -18.77
C LEU D 251 5.51 13.11 -17.35
N VAL D 252 6.80 12.84 -17.22
CA VAL D 252 7.46 12.92 -15.91
C VAL D 252 7.22 14.32 -15.34
N VAL D 253 7.52 15.32 -16.16
CA VAL D 253 7.36 16.71 -15.79
C VAL D 253 5.89 17.06 -15.58
N LEU D 254 5.03 16.37 -16.31
CA LEU D 254 3.62 16.63 -16.18
C LEU D 254 3.13 16.12 -14.84
N GLU D 255 3.52 14.91 -14.48
CA GLU D 255 3.09 14.34 -13.20
C GLU D 255 3.58 15.27 -12.10
N THR D 256 4.87 15.62 -12.17
CA THR D 256 5.49 16.46 -11.17
C THR D 256 4.73 17.76 -11.00
N PHE D 257 4.09 18.22 -12.05
CA PHE D 257 3.33 19.45 -11.96
C PHE D 257 1.89 19.18 -11.53
N CYS D 258 1.30 18.11 -12.08
CA CYS D 258 -0.08 17.75 -11.78
C CYS D 258 -0.26 17.36 -10.34
N GLU D 259 0.87 17.14 -9.64
CA GLU D 259 0.86 16.74 -8.23
C GLU D 259 1.30 17.79 -7.22
N LEU D 260 1.17 19.07 -7.57
CA LEU D 260 1.53 20.13 -6.63
C LEU D 260 0.22 20.47 -5.94
N HIS D 261 0.26 20.81 -4.66
CA HIS D 261 -0.98 21.08 -3.96
C HIS D 261 -1.90 22.00 -4.73
N GLU D 262 -1.43 23.20 -5.02
CA GLU D 262 -2.24 24.17 -5.73
C GLU D 262 -2.97 23.64 -6.97
N LEU D 263 -2.36 22.68 -7.67
CA LEU D 263 -2.97 22.13 -8.86
C LEU D 263 -4.10 21.16 -8.51
N LYS D 264 -3.80 20.18 -7.65
CA LYS D 264 -4.82 19.22 -7.24
C LYS D 264 -6.02 20.01 -6.73
N LYS D 265 -5.73 21.21 -6.24
CA LYS D 265 -6.76 22.12 -5.71
C LYS D 265 -7.58 22.66 -6.89
N PHE D 266 -6.88 23.28 -7.84
CA PHE D 266 -7.52 23.84 -8.99
C PHE D 266 -8.29 22.79 -9.79
N ARG D 267 -7.69 21.61 -9.94
CA ARG D 267 -8.33 20.52 -10.69
C ARG D 267 -9.60 20.09 -10.00
N LYS D 268 -9.45 19.67 -8.75
CA LYS D 268 -10.56 19.19 -7.94
C LYS D 268 -11.74 20.13 -7.98
N MET D 269 -11.44 21.39 -8.21
CA MET D 269 -12.44 22.44 -8.27
C MET D 269 -13.55 22.24 -9.32
N PHE D 270 -13.42 21.22 -10.17
CA PHE D 270 -14.43 21.02 -11.20
C PHE D 270 -15.26 19.73 -11.24
N TYR D 271 -15.01 18.77 -10.36
CA TYR D 271 -15.77 17.50 -10.37
C TYR D 271 -17.09 17.51 -9.60
C1 UND E . -8.32 -17.72 22.06
C2 UND E . -7.36 -16.62 22.53
C3 UND E . -5.94 -17.14 22.70
C4 UND E . -4.98 -15.96 22.92
C5 UND E . -3.52 -16.39 23.08
C6 UND E . -2.64 -15.14 23.16
C7 UND E . -1.21 -15.45 23.62
C8 UND E . -0.36 -14.19 23.67
C9 UND E . 1.13 -14.47 23.96
C10 UND E . 2.02 -13.22 23.98
C11 UND E . 3.48 -13.55 24.34
K K F . -0.04 -14.39 39.95
K K G . 0.55 -13.77 36.54
K K H . 1.15 -13.15 33.32
K K I . 1.81 -12.46 29.84
K K J . -1.00 -15.34 44.49
C1 UND K . 13.59 -5.46 28.46
C2 UND K . 12.61 -6.58 28.13
C3 UND K . 11.16 -6.08 28.02
C4 UND K . 10.29 -7.17 27.38
C5 UND K . 8.83 -6.74 27.23
C6 UND K . 8.06 -7.86 26.51
C7 UND K . 6.54 -7.65 26.57
C8 UND K . 5.81 -8.76 25.82
C9 UND K . 4.31 -8.51 25.72
C10 UND K . 3.54 -9.62 24.97
C11 UND K . 2.02 -9.37 24.95
C1 UND L . -9.69 1.29 -28.48
C2 UND L . -8.47 2.18 -28.20
C3 UND L . -8.87 3.65 -28.02
C4 UND L . -7.67 4.45 -27.49
C5 UND L . -7.98 5.92 -27.22
C6 UND L . -6.78 6.60 -26.56
C7 UND L . -6.89 8.11 -26.54
C8 UND L . -5.69 8.75 -25.83
C9 UND L . -5.82 10.26 -25.63
C10 UND L . -4.62 10.92 -24.93
C11 UND L . -4.73 12.44 -24.84
K K M . 0.06 14.45 -39.90
K K N . -0.57 13.74 -36.55
K K O . -1.17 13.11 -33.30
K K P . -1.78 12.40 -29.82
K K Q . 0.85 15.27 -44.52
C1 UND R . 4.48 21.87 -21.94
C2 UND R . 3.30 21.01 -22.43
C3 UND R . 3.71 19.55 -22.68
C4 UND R . 2.46 18.68 -22.88
C5 UND R . 2.77 17.20 -23.12
C6 UND R . 1.46 16.41 -23.13
C7 UND R . 1.64 14.99 -23.66
C8 UND R . 0.31 14.23 -23.66
C9 UND R . 0.46 12.75 -24.04
C10 UND R . -0.85 11.97 -24.05
C11 UND R . -0.68 10.50 -24.49
#